data_5XWY
#
_entry.id   5XWY
#
_cell.length_a   1.00
_cell.length_b   1.00
_cell.length_c   1.00
_cell.angle_alpha   90.00
_cell.angle_beta   90.00
_cell.angle_gamma   90.00
#
_symmetry.space_group_name_H-M   'P 1'
#
loop_
_entity.id
_entity.type
_entity.pdbx_description
1 polymer 'A type VI-A CRISPR-Cas RNA-guided RNA ribonuclease, Cas13a'
2 polymer 'RNA (59-MER)'
#
loop_
_entity_poly.entity_id
_entity_poly.type
_entity_poly.pdbx_seq_one_letter_code
_entity_poly.pdbx_strand_id
1 'polypeptide(L)'
;MKVTKVGGISHKKYTSEGRLVKSESEENRTDERLSALLNMRLDMYIKNPSSTETKENQKRIGKLKKFFSNKMVYLKDNTL
SLKNGKKENIDREYSETDILESDVRDKKNFAVLKKIYLNENVNSEELEVFRNDIKKKLNKINSLKYSFEKNKANYQKINE
NNIEKVEGKSKRNIIYDYYRESAKRDAYVSNVKEAFDKLYKEEDIAKLVLEIENLTKLEKYKIREFYHEIIGRKNDKENF
AKIIYEEIQNVNNMKELIEKVPDMSELKKSQVFYKYYLDKEELNDKNIKYAFCHFVEIEMSQLLKNYVYKRLSNISNDKI
KRIFEYQNLKKLIENKLLNKLDTYVRNCGKYNYYLQDGEIATSDFIARNRQNEAFLRNIIGVSSVAYFSLRNILETENEN
DITGRMRGKTVKNNKGEEKYVSGEVDKIYNENKKNEVKENLKMFYSYDFNMDNKNEIEDFFANIDEAISSIRHGIVHFNL
ELEGKDIFAFKNIAPSEISKKMFQNEINEKKLKLKIFRQLNSANVFRYLEKYKILNYLKRTRFEFVNKNIPFVPSFTKLY
SRIDDLKNSLGIYWKTPKTNDDNKTKEIIDAQIYLLKNIYYGEFLNYFMSNNGNFFEISKEIIELNKNDKRNLKTGFYKL
QKFEDIQEKIPKEYLANIQSLYMINAGNQDEEEKDTYIDFIQKIFLKGFMTYLANNGRLSLIYIGSDEETNTSLAEKKQE
FDKFLKKYEQNNNIKIPYEINEFLREIKLGNILKYTERLNMFYLILKLLNHKELTNLKGSLEKYQSANKEEAFSDQLELI
NLLNLDNNRVTEDFELEADEIGKFLDFNGNKVKDNKELKKFDTNKIYFDGENIIKHRAFYNIKKYGMLNLLEKIADKAGY
KISIEELKKYSNKKNEIEKNHKMQENLHRKYARPRKDEKFTDEDYESYKQAIENIEEYTHLKNKVEFNELNLLQGLLLRI
LHRLVGYTSIWERDLRFRLKGEFPENQYIEEIFNFENKKNVKYKGGQIVEKYIKFYKELHQNDEVKINKYSSANIKVLKQ
EKKDLYIANYIAAFNYIPHAEISLLEVLENLRKLLSYDRKLKNAVMKSVVDILKEYGFVATFKIGADKKIGIQTLESEKI
VHLKNLKKKKLMTDRNSEELCKLVKIMFEYKMEEKKSEN
;
A
2 'polyribonucleotide' GGACCACCCCAAAAAUGAAGGGGACUAAAACACAAAUCUAUCUGAAUAAACUCUUCUUC B
#
loop_
_chem_comp.id
_chem_comp.type
_chem_comp.name
_chem_comp.formula
A RNA linking ADENOSINE-5'-MONOPHOSPHATE 'C10 H14 N5 O7 P'
C RNA linking CYTIDINE-5'-MONOPHOSPHATE 'C9 H14 N3 O8 P'
G RNA linking GUANOSINE-5'-MONOPHOSPHATE 'C10 H14 N5 O8 P'
U RNA linking URIDINE-5'-MONOPHOSPHATE 'C9 H13 N2 O9 P'
#
# COMPACT_ATOMS: atom_id res chain seq x y z
N MET A 1 -8.63 -12.51 -25.07
CA MET A 1 -8.64 -13.90 -24.64
C MET A 1 -7.60 -14.13 -23.55
N LYS A 2 -8.03 -14.19 -22.30
CA LYS A 2 -7.12 -14.43 -21.21
C LYS A 2 -6.79 -15.92 -21.11
N VAL A 3 -5.52 -16.21 -20.88
CA VAL A 3 -5.02 -17.58 -20.87
C VAL A 3 -4.83 -18.02 -19.43
N THR A 4 -4.10 -17.21 -18.67
CA THR A 4 -3.84 -17.51 -17.28
C THR A 4 -4.91 -16.87 -16.41
N LYS A 5 -4.70 -16.92 -15.09
CA LYS A 5 -5.52 -16.28 -14.06
C LYS A 5 -6.97 -16.78 -14.05
N VAL A 6 -7.22 -17.98 -14.59
CA VAL A 6 -8.57 -18.46 -14.80
C VAL A 6 -8.88 -19.69 -13.94
N GLY A 7 -7.95 -20.60 -13.80
CA GLY A 7 -8.02 -21.59 -12.75
C GLY A 7 -7.21 -21.04 -11.62
N GLY A 8 -6.22 -21.80 -11.17
CA GLY A 8 -5.13 -21.25 -10.39
C GLY A 8 -3.87 -21.05 -11.19
N ILE A 9 -3.95 -21.22 -12.51
CA ILE A 9 -2.74 -21.34 -13.32
C ILE A 9 -2.18 -19.96 -13.64
N SER A 10 -0.85 -19.92 -13.77
CA SER A 10 -0.14 -18.68 -13.99
C SER A 10 1.15 -19.01 -14.70
N HIS A 11 1.59 -18.14 -15.59
CA HIS A 11 2.85 -18.34 -16.29
C HIS A 11 4.00 -18.09 -15.33
N LYS A 12 4.73 -19.15 -15.01
CA LYS A 12 5.90 -19.06 -14.14
C LYS A 12 7.09 -19.53 -14.94
N LYS A 13 8.13 -18.71 -15.00
CA LYS A 13 9.27 -19.00 -15.84
C LYS A 13 10.30 -19.83 -15.10
N TYR A 14 10.86 -20.81 -15.79
CA TYR A 14 11.79 -21.76 -15.22
C TYR A 14 13.09 -21.76 -16.01
N THR A 15 13.98 -22.68 -15.65
CA THR A 15 15.31 -22.72 -16.23
C THR A 15 15.28 -23.16 -17.68
N SER A 16 14.65 -24.31 -17.93
CA SER A 16 14.64 -24.86 -19.28
C SER A 16 13.68 -24.11 -20.19
N GLU A 17 12.45 -23.88 -19.74
CA GLU A 17 11.52 -23.07 -20.49
C GLU A 17 10.54 -22.43 -19.53
N GLY A 18 9.80 -21.45 -20.03
CA GLY A 18 8.68 -20.91 -19.27
C GLY A 18 7.49 -21.82 -19.39
N ARG A 19 6.66 -21.83 -18.36
CA ARG A 19 5.73 -22.91 -18.16
C ARG A 19 4.46 -22.38 -17.49
N LEU A 20 3.31 -22.84 -17.96
CA LEU A 20 2.04 -22.57 -17.30
C LEU A 20 1.91 -23.53 -16.13
N VAL A 21 1.72 -22.98 -14.94
CA VAL A 21 1.89 -23.72 -13.70
C VAL A 21 0.64 -23.54 -12.85
N LYS A 22 -0.04 -24.64 -12.56
CA LYS A 22 -1.08 -24.65 -11.54
C LYS A 22 -0.44 -24.40 -10.19
N SER A 23 -1.12 -23.59 -9.36
CA SER A 23 -0.61 -22.76 -8.27
C SER A 23 0.59 -23.28 -7.48
N GLU A 24 0.59 -24.56 -7.12
CA GLU A 24 1.62 -25.12 -6.26
C GLU A 24 2.60 -26.00 -7.01
N SER A 25 2.13 -27.04 -7.70
CA SER A 25 3.02 -28.02 -8.30
C SER A 25 3.60 -27.49 -9.60
N GLU A 26 4.88 -27.79 -9.83
CA GLU A 26 5.63 -27.25 -10.96
C GLU A 26 5.41 -28.03 -12.25
N GLU A 27 4.35 -28.81 -12.37
CA GLU A 27 4.11 -29.59 -13.58
C GLU A 27 3.63 -28.69 -14.70
N ASN A 28 3.79 -29.18 -15.93
CA ASN A 28 3.51 -28.38 -17.11
C ASN A 28 2.03 -28.44 -17.43
N ARG A 29 1.37 -27.29 -17.43
CA ARG A 29 -0.04 -27.19 -17.77
C ARG A 29 -0.25 -26.43 -19.07
N THR A 30 0.82 -26.19 -19.83
CA THR A 30 0.72 -25.40 -21.06
C THR A 30 -0.06 -26.15 -22.12
N ASP A 31 0.14 -27.46 -22.23
CA ASP A 31 -0.59 -28.23 -23.21
C ASP A 31 -2.03 -28.46 -22.80
N GLU A 32 -2.31 -28.42 -21.50
CA GLU A 32 -3.68 -28.68 -21.04
C GLU A 32 -4.57 -27.46 -21.22
N ARG A 33 -4.06 -26.28 -20.88
CA ARG A 33 -4.87 -25.08 -20.98
C ARG A 33 -5.06 -24.64 -22.42
N LEU A 34 -3.99 -24.68 -23.21
CA LEU A 34 -4.06 -24.14 -24.57
C LEU A 34 -4.85 -25.07 -25.49
N SER A 35 -5.00 -26.34 -25.10
CA SER A 35 -5.93 -27.20 -25.81
C SER A 35 -7.36 -26.89 -25.38
N ALA A 36 -7.54 -26.36 -24.18
CA ALA A 36 -8.88 -26.04 -23.71
C ALA A 36 -9.36 -24.71 -24.27
N LEU A 37 -8.45 -23.80 -24.60
CA LEU A 37 -8.85 -22.54 -25.18
C LEU A 37 -9.07 -22.66 -26.68
N LEU A 38 -8.73 -23.79 -27.26
CA LEU A 38 -8.90 -23.99 -28.71
C LEU A 38 -10.37 -24.35 -28.95
N ASN A 39 -11.20 -23.32 -28.92
CA ASN A 39 -12.63 -23.50 -29.13
C ASN A 39 -13.21 -22.20 -29.67
N MET A 40 -14.32 -22.33 -30.37
CA MET A 40 -15.00 -21.17 -30.92
C MET A 40 -16.34 -21.00 -30.20
N ARG A 41 -16.42 -19.97 -29.37
CA ARG A 41 -17.67 -19.65 -28.68
C ARG A 41 -18.66 -19.11 -29.69
N LEU A 42 -19.87 -19.66 -29.70
CA LEU A 42 -20.78 -19.34 -30.81
C LEU A 42 -21.58 -18.07 -30.63
N ASP A 43 -21.16 -17.12 -29.80
CA ASP A 43 -21.86 -15.85 -29.72
C ASP A 43 -21.10 -14.70 -30.36
N MET A 44 -20.35 -14.97 -31.43
CA MET A 44 -19.37 -14.02 -31.95
C MET A 44 -19.56 -13.50 -33.39
N TYR A 45 -20.06 -14.22 -34.42
CA TYR A 45 -21.13 -15.25 -34.56
C TYR A 45 -22.38 -14.86 -33.79
N ILE A 46 -22.95 -13.71 -34.15
CA ILE A 46 -24.11 -13.15 -33.47
C ILE A 46 -25.37 -13.94 -33.76
N ASN A 57 -34.64 -3.91 -29.34
CA ASN A 57 -33.33 -4.36 -29.80
C ASN A 57 -32.75 -5.35 -28.79
N GLN A 58 -33.00 -5.11 -27.51
CA GLN A 58 -32.34 -5.85 -26.44
C GLN A 58 -33.11 -7.09 -26.00
N LYS A 59 -34.06 -7.57 -26.81
CA LYS A 59 -34.80 -8.78 -26.47
C LYS A 59 -34.41 -9.97 -27.33
N ARG A 60 -34.36 -9.78 -28.65
CA ARG A 60 -33.94 -10.88 -29.53
C ARG A 60 -32.44 -11.10 -29.43
N ILE A 61 -31.66 -10.01 -29.28
CA ILE A 61 -30.21 -10.14 -29.15
C ILE A 61 -29.85 -10.74 -27.80
N GLY A 62 -30.45 -10.24 -26.73
CA GLY A 62 -30.09 -10.67 -25.38
C GLY A 62 -30.50 -12.08 -25.05
N LYS A 63 -31.44 -12.65 -25.81
CA LYS A 63 -31.84 -14.03 -25.53
C LYS A 63 -30.94 -15.02 -26.25
N LEU A 64 -30.54 -14.70 -27.49
CA LEU A 64 -29.74 -15.62 -28.28
C LEU A 64 -28.31 -15.72 -27.77
N LYS A 65 -27.79 -14.66 -27.15
CA LYS A 65 -26.44 -14.69 -26.62
C LYS A 65 -26.34 -15.64 -25.43
N LYS A 66 -27.43 -15.78 -24.67
CA LYS A 66 -27.41 -16.70 -23.53
C LYS A 66 -27.51 -18.13 -24.00
N PHE A 67 -28.05 -18.36 -25.20
CA PHE A 67 -28.16 -19.71 -25.71
C PHE A 67 -26.84 -20.21 -26.28
N PHE A 68 -26.18 -19.40 -27.09
CA PHE A 68 -24.98 -19.83 -27.78
C PHE A 68 -23.70 -19.65 -26.97
N SER A 69 -23.78 -19.01 -25.80
CA SER A 69 -22.65 -19.02 -24.90
C SER A 69 -22.43 -20.38 -24.28
N ASN A 70 -23.50 -21.19 -24.20
CA ASN A 70 -23.37 -22.57 -23.76
C ASN A 70 -22.68 -23.41 -24.83
N LYS A 71 -22.84 -23.03 -26.10
CA LYS A 71 -22.34 -23.83 -27.20
C LYS A 71 -20.93 -23.39 -27.60
N MET A 72 -20.02 -24.36 -27.67
CA MET A 72 -18.63 -24.14 -28.08
C MET A 72 -18.30 -25.13 -29.18
N VAL A 73 -17.47 -24.72 -30.11
CA VAL A 73 -17.06 -25.58 -31.22
C VAL A 73 -15.57 -25.87 -31.07
N TYR A 74 -15.23 -27.12 -30.78
CA TYR A 74 -13.84 -27.52 -30.60
C TYR A 74 -13.49 -28.58 -31.64
N LEU A 75 -12.21 -28.99 -31.64
CA LEU A 75 -11.66 -29.92 -32.61
C LEU A 75 -10.93 -31.11 -32.01
N LYS A 76 -11.51 -31.80 -31.03
CA LYS A 76 -10.86 -32.97 -30.45
C LYS A 76 -11.61 -34.23 -30.83
N ASP A 77 -11.03 -35.05 -31.72
CA ASP A 77 -9.78 -34.75 -32.44
C ASP A 77 -10.08 -34.72 -33.94
N ASN A 78 -9.91 -33.53 -34.53
CA ASN A 78 -10.33 -33.20 -35.90
C ASN A 78 -11.81 -33.53 -36.09
N THR A 79 -12.59 -33.29 -35.05
CA THR A 79 -14.03 -33.53 -35.05
C THR A 79 -14.72 -32.24 -34.64
N LEU A 80 -15.79 -31.90 -35.35
CA LEU A 80 -16.47 -30.63 -35.16
C LEU A 80 -17.56 -30.71 -34.09
N SER A 81 -17.44 -31.62 -33.13
CA SER A 81 -18.48 -31.81 -32.13
C SER A 81 -18.56 -30.62 -31.18
N LEU A 82 -19.75 -30.41 -30.62
CA LEU A 82 -19.98 -29.24 -29.80
C LEU A 82 -19.88 -29.57 -28.32
N LYS A 83 -19.69 -28.54 -27.51
CA LYS A 83 -19.44 -28.67 -26.08
C LYS A 83 -20.42 -27.80 -25.32
N ASN A 84 -20.92 -28.30 -24.21
CA ASN A 84 -21.75 -27.51 -23.31
C ASN A 84 -20.89 -26.75 -22.32
N GLY A 85 -21.38 -25.59 -21.89
CA GLY A 85 -20.70 -24.82 -20.88
C GLY A 85 -21.39 -24.86 -19.53
N PHE A 110 -24.81 -19.21 -41.57
CA PHE A 110 -26.04 -18.86 -40.87
C PHE A 110 -26.99 -20.06 -40.79
N ALA A 111 -27.11 -20.80 -41.89
CA ALA A 111 -28.03 -21.92 -41.97
C ALA A 111 -27.56 -23.10 -41.11
N VAL A 112 -26.27 -23.12 -40.78
CA VAL A 112 -25.78 -24.17 -39.88
C VAL A 112 -25.84 -23.67 -38.45
N LEU A 113 -26.05 -22.37 -38.25
CA LEU A 113 -26.17 -21.82 -36.90
C LEU A 113 -27.59 -22.01 -36.38
N LYS A 114 -28.57 -21.98 -37.28
CA LYS A 114 -29.97 -22.08 -36.88
C LYS A 114 -30.35 -23.52 -36.54
N LYS A 115 -29.58 -24.50 -37.02
CA LYS A 115 -29.85 -25.89 -36.68
C LYS A 115 -29.54 -26.16 -35.21
N ILE A 116 -28.61 -25.41 -34.65
CA ILE A 116 -28.33 -25.52 -33.21
C ILE A 116 -29.47 -24.87 -32.43
N TYR A 117 -30.02 -23.78 -32.94
CA TYR A 117 -31.12 -23.10 -32.27
C TYR A 117 -32.40 -23.93 -32.32
N LEU A 118 -32.56 -24.75 -33.35
CA LEU A 118 -33.69 -25.67 -33.41
C LEU A 118 -33.29 -27.04 -32.86
N ASN A 119 -32.15 -27.09 -32.15
CA ASN A 119 -31.66 -28.24 -31.39
C ASN A 119 -31.49 -29.49 -32.25
N GLU A 120 -31.13 -29.30 -33.51
CA GLU A 120 -31.05 -30.41 -34.45
C GLU A 120 -29.61 -30.76 -34.80
N ASN A 123 -23.51 -31.77 -38.51
CA ASN A 123 -22.41 -32.72 -38.65
C ASN A 123 -21.17 -32.05 -39.21
N SER A 124 -20.29 -32.84 -39.81
CA SER A 124 -18.99 -32.33 -40.24
C SER A 124 -19.10 -31.49 -41.49
N GLU A 125 -20.06 -31.81 -42.37
CA GLU A 125 -20.21 -31.05 -43.60
C GLU A 125 -20.87 -29.70 -43.34
N GLU A 126 -21.57 -29.57 -42.21
CA GLU A 126 -22.20 -28.30 -41.89
C GLU A 126 -21.26 -27.38 -41.11
N LEU A 127 -20.41 -27.97 -40.27
CA LEU A 127 -19.61 -27.16 -39.35
C LEU A 127 -18.23 -26.87 -39.92
N GLU A 128 -18.03 -27.13 -41.21
CA GLU A 128 -16.76 -26.80 -41.85
C GLU A 128 -16.67 -25.31 -42.16
N VAL A 129 -17.77 -24.58 -41.95
CA VAL A 129 -17.83 -23.13 -42.07
C VAL A 129 -16.89 -22.51 -41.05
N PHE A 130 -16.80 -23.15 -39.88
CA PHE A 130 -16.10 -22.58 -38.74
C PHE A 130 -14.59 -22.80 -38.76
N ARG A 131 -14.10 -23.77 -39.54
CA ARG A 131 -12.66 -24.05 -39.59
C ARG A 131 -11.87 -22.90 -40.22
N ASN A 132 -12.54 -22.03 -40.98
CA ASN A 132 -11.91 -20.79 -41.42
C ASN A 132 -11.53 -19.90 -40.25
N ASP A 133 -12.33 -19.93 -39.18
CA ASP A 133 -12.07 -19.12 -38.00
C ASP A 133 -11.37 -19.88 -36.89
N ILE A 134 -11.39 -21.21 -36.93
CA ILE A 134 -10.66 -21.99 -35.93
C ILE A 134 -9.20 -22.20 -36.34
N LYS A 135 -8.90 -22.19 -37.63
CA LYS A 135 -7.50 -22.16 -38.05
C LYS A 135 -6.83 -20.84 -37.64
N LYS A 136 -7.57 -19.73 -37.70
CA LYS A 136 -7.08 -18.50 -37.09
C LYS A 136 -7.03 -18.58 -35.58
N LYS A 137 -7.86 -19.43 -34.97
CA LYS A 137 -7.80 -19.63 -33.53
C LYS A 137 -6.68 -20.59 -33.17
N LEU A 138 -6.40 -21.57 -34.04
CA LEU A 138 -5.31 -22.51 -33.80
C LEU A 138 -3.96 -21.83 -33.89
N ASN A 139 -3.78 -20.97 -34.89
CA ASN A 139 -2.49 -20.32 -35.10
C ASN A 139 -2.19 -19.31 -34.00
N LYS A 140 -3.22 -18.75 -33.38
CA LYS A 140 -3.02 -17.92 -32.21
C LYS A 140 -2.54 -18.75 -31.03
N ILE A 141 -3.05 -19.97 -30.89
CA ILE A 141 -2.66 -20.82 -29.77
C ILE A 141 -1.25 -21.34 -29.94
N ASN A 142 -0.86 -21.72 -31.16
CA ASN A 142 0.50 -22.17 -31.40
C ASN A 142 1.50 -21.03 -31.28
N SER A 143 1.08 -19.80 -31.56
CA SER A 143 1.95 -18.67 -31.33
C SER A 143 2.05 -18.34 -29.85
N LEU A 144 0.96 -18.52 -29.10
CA LEU A 144 1.05 -18.33 -27.66
C LEU A 144 1.83 -19.44 -27.00
N LYS A 145 1.73 -20.66 -27.53
CA LYS A 145 2.46 -21.79 -26.97
C LYS A 145 3.96 -21.59 -27.10
N TYR A 146 4.40 -21.05 -28.23
CA TYR A 146 5.80 -20.69 -28.37
C TYR A 146 6.13 -19.43 -27.61
N SER A 147 5.12 -18.61 -27.29
CA SER A 147 5.38 -17.40 -26.53
C SER A 147 5.63 -17.70 -25.06
N PHE A 148 5.11 -18.81 -24.55
CA PHE A 148 5.42 -19.15 -23.16
C PHE A 148 6.73 -19.92 -23.06
N GLU A 149 7.12 -20.64 -24.10
CA GLU A 149 8.34 -21.45 -24.01
C GLU A 149 9.60 -20.59 -24.05
N LYS A 150 9.55 -19.45 -24.71
CA LYS A 150 10.72 -18.58 -24.78
C LYS A 150 10.79 -17.60 -23.62
N ASN A 151 9.70 -17.42 -22.87
CA ASN A 151 9.69 -16.56 -21.70
C ASN A 151 10.22 -17.35 -20.51
N LYS A 152 11.51 -17.65 -20.56
CA LYS A 152 12.16 -18.46 -19.56
C LYS A 152 13.01 -17.60 -18.65
N ALA A 153 13.68 -18.24 -17.70
CA ALA A 153 14.51 -17.51 -16.76
C ALA A 153 15.80 -17.07 -17.42
N ASN A 154 16.19 -15.82 -17.20
CA ASN A 154 17.30 -15.21 -17.91
C ASN A 154 18.53 -15.03 -17.03
N TYR A 155 18.35 -14.49 -15.85
CA TYR A 155 19.45 -14.01 -15.05
C TYR A 155 20.20 -15.16 -14.42
N GLN A 156 21.51 -15.19 -14.64
CA GLN A 156 22.36 -16.25 -14.14
C GLN A 156 23.62 -15.62 -13.59
N LYS A 157 23.94 -15.92 -12.34
CA LYS A 157 25.24 -15.53 -11.80
C LYS A 157 26.30 -16.38 -12.46
N ILE A 158 27.39 -15.75 -12.88
CA ILE A 158 28.52 -16.46 -13.47
C ILE A 158 29.75 -16.13 -12.65
N ASN A 159 30.90 -16.65 -13.06
CA ASN A 159 32.16 -16.36 -12.36
C ASN A 159 33.25 -16.26 -13.42
N GLU A 160 33.49 -15.03 -13.90
CA GLU A 160 34.52 -14.75 -14.87
C GLU A 160 35.60 -13.93 -14.20
N ASN A 161 36.79 -14.53 -14.04
CA ASN A 161 37.97 -13.92 -13.42
C ASN A 161 37.67 -13.45 -12.00
N ASN A 162 37.26 -14.40 -11.16
CA ASN A 162 37.19 -14.27 -9.70
C ASN A 162 36.20 -13.22 -9.20
N ILE A 163 35.30 -12.72 -10.05
CA ILE A 163 34.28 -11.78 -9.64
C ILE A 163 32.91 -12.34 -10.02
N GLU A 164 31.95 -12.16 -9.12
CA GLU A 164 30.61 -12.73 -9.28
C GLU A 164 29.71 -11.66 -9.89
N LYS A 165 29.44 -11.79 -11.18
CA LYS A 165 28.54 -10.90 -11.88
C LYS A 165 27.36 -11.69 -12.42
N VAL A 166 26.27 -10.98 -12.68
CA VAL A 166 25.03 -11.59 -13.16
C VAL A 166 24.78 -11.07 -14.56
N GLU A 167 24.51 -11.97 -15.49
CA GLU A 167 24.20 -11.59 -16.84
C GLU A 167 22.86 -12.20 -17.24
N GLY A 168 22.27 -11.64 -18.29
CA GLY A 168 21.08 -12.21 -18.86
C GLY A 168 21.40 -13.12 -20.02
N LYS A 169 20.55 -14.13 -20.20
CA LYS A 169 20.73 -15.08 -21.29
C LYS A 169 19.72 -14.89 -22.41
N SER A 170 18.71 -14.06 -22.21
CA SER A 170 17.72 -13.83 -23.26
C SER A 170 18.32 -12.99 -24.37
N LYS A 171 17.59 -12.94 -25.49
CA LYS A 171 18.06 -12.21 -26.67
C LYS A 171 18.17 -10.73 -26.39
N ARG A 172 17.20 -10.18 -25.66
CA ARG A 172 17.24 -8.75 -25.35
C ARG A 172 18.35 -8.43 -24.37
N ASN A 173 18.56 -9.29 -23.38
CA ASN A 173 19.57 -9.02 -22.36
C ASN A 173 20.99 -9.20 -22.87
N ILE A 174 21.19 -9.85 -24.00
CA ILE A 174 22.51 -9.84 -24.62
C ILE A 174 22.82 -8.44 -25.15
N ILE A 175 21.81 -7.75 -25.67
CA ILE A 175 22.00 -6.39 -26.16
C ILE A 175 22.23 -5.44 -25.00
N TYR A 176 21.49 -5.61 -23.90
CA TYR A 176 21.66 -4.72 -22.77
C TYR A 176 22.96 -4.98 -22.03
N ASP A 177 23.50 -6.19 -22.11
CA ASP A 177 24.76 -6.46 -21.44
C ASP A 177 25.93 -5.91 -22.22
N TYR A 178 25.78 -5.74 -23.53
CA TYR A 178 26.82 -5.12 -24.33
C TYR A 178 26.97 -3.65 -23.99
N TYR A 179 25.84 -2.99 -23.71
CA TYR A 179 25.79 -1.59 -23.36
C TYR A 179 25.62 -1.37 -21.86
N ARG A 180 26.19 -2.28 -21.07
CA ARG A 180 25.97 -2.26 -19.63
C ARG A 180 26.76 -1.18 -18.93
N GLU A 181 27.96 -0.91 -19.40
CA GLU A 181 28.81 0.08 -18.76
C GLU A 181 28.33 1.50 -19.07
N SER A 182 28.66 2.42 -18.18
CA SER A 182 28.23 3.81 -18.34
C SER A 182 28.99 4.52 -19.44
N ALA A 183 30.12 3.99 -19.87
CA ALA A 183 30.86 4.62 -20.96
C ALA A 183 30.18 4.43 -22.30
N LYS A 184 29.51 3.31 -22.50
CA LYS A 184 28.84 3.01 -23.76
C LYS A 184 27.42 3.51 -23.81
N ARG A 185 26.99 4.31 -22.83
CA ARG A 185 25.59 4.72 -22.78
C ARG A 185 25.24 5.71 -23.88
N ASP A 186 26.19 6.57 -24.26
CA ASP A 186 25.92 7.53 -25.33
C ASP A 186 25.83 6.86 -26.68
N ALA A 187 26.51 5.73 -26.85
CA ALA A 187 26.36 4.95 -28.08
C ALA A 187 25.04 4.20 -28.11
N TYR A 188 24.45 3.92 -26.95
CA TYR A 188 23.14 3.30 -26.90
C TYR A 188 22.06 4.27 -27.32
N VAL A 189 22.22 5.55 -26.97
CA VAL A 189 21.24 6.56 -27.36
C VAL A 189 21.32 6.82 -28.85
N SER A 190 22.53 6.83 -29.40
CA SER A 190 22.71 7.15 -30.81
C SER A 190 22.20 6.03 -31.71
N ASN A 191 22.28 4.79 -31.26
CA ASN A 191 21.76 3.69 -32.07
C ASN A 191 20.24 3.65 -32.06
N VAL A 192 19.61 4.13 -31.00
CA VAL A 192 18.15 4.25 -31.00
C VAL A 192 17.71 5.36 -31.93
N LYS A 193 18.40 6.51 -31.87
CA LYS A 193 18.11 7.62 -32.77
C LYS A 193 18.38 7.25 -34.22
N GLU A 194 19.40 6.44 -34.48
CA GLU A 194 19.69 6.00 -35.83
C GLU A 194 18.61 5.06 -36.33
N ALA A 195 18.13 4.17 -35.46
CA ALA A 195 17.11 3.22 -35.87
C ALA A 195 15.74 3.88 -36.00
N PHE A 196 15.46 4.87 -35.17
CA PHE A 196 14.18 5.56 -35.25
C PHE A 196 14.08 6.40 -36.50
N ASP A 197 15.20 6.92 -36.99
CA ASP A 197 15.19 7.74 -38.20
C ASP A 197 15.18 6.91 -39.47
N LYS A 198 15.48 5.62 -39.38
CA LYS A 198 15.37 4.77 -40.56
C LYS A 198 13.97 4.19 -40.72
N LEU A 199 13.15 4.24 -39.67
CA LEU A 199 11.82 3.66 -39.73
C LEU A 199 10.71 4.69 -39.87
N TYR A 200 10.88 5.87 -39.30
CA TYR A 200 9.81 6.86 -39.25
C TYR A 200 10.33 8.17 -39.81
N LYS A 201 9.67 8.68 -40.84
CA LYS A 201 10.26 9.69 -41.71
C LYS A 201 9.55 11.04 -41.65
N GLU A 202 9.00 11.43 -40.49
CA GLU A 202 8.55 12.79 -40.15
C GLU A 202 7.29 13.25 -40.88
N GLU A 203 6.91 12.61 -41.97
CA GLU A 203 5.58 12.83 -42.53
C GLU A 203 4.73 11.57 -42.49
N ASP A 204 5.35 10.40 -42.35
CA ASP A 204 4.60 9.21 -42.06
C ASP A 204 4.06 9.24 -40.64
N ILE A 205 4.82 9.80 -39.71
CA ILE A 205 4.29 10.04 -38.38
C ILE A 205 3.24 11.15 -38.41
N ALA A 206 3.49 12.21 -39.18
CA ALA A 206 2.63 13.38 -39.16
C ALA A 206 1.24 13.09 -39.72
N LYS A 207 1.14 12.18 -40.69
CA LYS A 207 -0.18 11.73 -41.12
C LYS A 207 -0.78 10.78 -40.10
N LEU A 208 0.06 10.05 -39.37
CA LEU A 208 -0.43 9.08 -38.42
C LEU A 208 -0.99 9.74 -37.17
N VAL A 209 -0.51 10.93 -36.81
CA VAL A 209 -1.08 11.65 -35.68
C VAL A 209 -2.47 12.16 -36.04
N LEU A 210 -2.69 12.52 -37.30
CA LEU A 210 -3.97 13.03 -37.74
C LEU A 210 -5.06 11.96 -37.67
N GLU A 211 -4.72 10.71 -37.95
CA GLU A 211 -5.72 9.66 -37.93
C GLU A 211 -6.09 9.21 -36.52
N ILE A 212 -5.26 9.50 -35.53
CA ILE A 212 -5.63 9.12 -34.17
C ILE A 212 -6.64 10.10 -33.59
N GLU A 213 -6.47 11.38 -33.88
CA GLU A 213 -7.45 12.37 -33.43
C GLU A 213 -8.75 12.23 -34.22
N ASN A 214 -8.66 11.85 -35.49
CA ASN A 214 -9.83 11.82 -36.37
C ASN A 214 -10.46 10.43 -36.36
N LEU A 215 -10.80 9.97 -35.16
CA LEU A 215 -11.66 8.81 -34.99
C LEU A 215 -12.41 8.95 -33.68
N THR A 216 -13.55 8.26 -33.60
CA THR A 216 -14.23 8.06 -32.33
C THR A 216 -14.29 6.58 -31.95
N LYS A 217 -14.91 5.76 -32.78
CA LYS A 217 -15.08 4.33 -32.52
C LYS A 217 -15.07 3.61 -33.86
N LEU A 218 -14.69 2.33 -33.83
CA LEU A 218 -14.80 1.39 -34.94
C LEU A 218 -14.01 1.82 -36.17
N GLU A 219 -13.02 2.69 -36.00
CA GLU A 219 -12.17 3.13 -37.10
C GLU A 219 -10.70 2.84 -36.81
N LYS A 220 -10.43 1.82 -36.00
CA LYS A 220 -9.07 1.50 -35.62
C LYS A 220 -8.29 0.92 -36.78
N TYR A 221 -8.98 0.28 -37.73
CA TYR A 221 -8.31 -0.37 -38.84
C TYR A 221 -7.69 0.63 -39.80
N LYS A 222 -8.19 1.87 -39.84
CA LYS A 222 -7.57 2.87 -40.70
C LYS A 222 -6.23 3.33 -40.14
N ILE A 223 -6.12 3.39 -38.81
CA ILE A 223 -4.84 3.67 -38.18
C ILE A 223 -3.91 2.47 -38.36
N ARG A 224 -4.45 1.27 -38.20
CA ARG A 224 -3.65 0.06 -38.23
C ARG A 224 -3.10 -0.20 -39.62
N GLU A 225 -3.96 -0.18 -40.64
CA GLU A 225 -3.51 -0.45 -41.99
C GLU A 225 -2.64 0.66 -42.55
N PHE A 226 -2.74 1.88 -42.02
CA PHE A 226 -1.77 2.89 -42.39
C PHE A 226 -0.44 2.68 -41.67
N TYR A 227 -0.47 2.17 -40.45
CA TYR A 227 0.76 1.93 -39.73
C TYR A 227 1.52 0.75 -40.30
N HIS A 228 0.82 -0.21 -40.91
CA HIS A 228 1.54 -1.27 -41.60
C HIS A 228 2.18 -0.78 -42.89
N GLU A 229 1.71 0.36 -43.43
CA GLU A 229 2.37 0.96 -44.58
C GLU A 229 3.62 1.71 -44.20
N ILE A 230 3.73 2.17 -42.95
CA ILE A 230 4.95 2.82 -42.50
C ILE A 230 6.07 1.80 -42.36
N ILE A 231 5.78 0.68 -41.68
CA ILE A 231 6.74 -0.40 -41.55
C ILE A 231 7.00 -1.04 -42.90
N GLY A 232 5.95 -1.25 -43.69
CA GLY A 232 6.13 -1.90 -44.96
C GLY A 232 6.05 -3.41 -44.85
N ARG A 233 4.90 -3.91 -44.42
CA ARG A 233 4.71 -5.36 -44.42
C ARG A 233 4.26 -5.89 -45.76
N LYS A 234 3.62 -5.07 -46.59
CA LYS A 234 3.08 -5.57 -47.85
C LYS A 234 4.20 -5.86 -48.85
N ASN A 235 5.28 -5.10 -48.81
CA ASN A 235 6.46 -5.45 -49.59
C ASN A 235 7.43 -6.32 -48.81
N ASP A 236 6.96 -6.98 -47.76
CA ASP A 236 7.81 -7.82 -46.93
C ASP A 236 7.34 -9.26 -46.92
N LYS A 237 6.06 -9.52 -46.63
CA LYS A 237 5.54 -10.87 -46.72
C LYS A 237 5.49 -11.32 -48.18
N GLU A 238 5.21 -10.41 -49.09
CA GLU A 238 5.00 -10.75 -50.48
C GLU A 238 6.30 -10.85 -51.26
N ASN A 239 7.41 -10.40 -50.67
CA ASN A 239 8.67 -10.34 -51.42
C ASN A 239 9.81 -11.08 -50.75
N PHE A 240 9.83 -11.17 -49.42
CA PHE A 240 11.01 -11.69 -48.75
C PHE A 240 10.73 -12.77 -47.72
N ALA A 241 9.46 -13.06 -47.41
CA ALA A 241 9.16 -13.95 -46.29
C ALA A 241 9.55 -15.39 -46.57
N LYS A 242 9.06 -15.95 -47.68
CA LYS A 242 9.38 -17.34 -47.99
C LYS A 242 10.78 -17.46 -48.58
N ILE A 243 11.31 -16.35 -49.09
CA ILE A 243 12.67 -16.36 -49.64
C ILE A 243 13.69 -16.50 -48.53
N ILE A 244 13.52 -15.73 -47.45
CA ILE A 244 14.60 -15.61 -46.47
C ILE A 244 14.63 -16.82 -45.55
N TYR A 245 13.49 -17.51 -45.38
CA TYR A 245 13.45 -18.65 -44.48
C TYR A 245 14.20 -19.84 -45.07
N GLU A 246 14.21 -19.93 -46.40
CA GLU A 246 15.07 -20.90 -47.06
C GLU A 246 16.54 -20.58 -46.82
N GLU A 247 16.91 -19.30 -46.84
CA GLU A 247 18.32 -18.94 -46.83
C GLU A 247 18.88 -18.91 -45.43
N ILE A 248 18.02 -18.86 -44.41
CA ILE A 248 18.47 -19.07 -43.04
C ILE A 248 18.98 -20.49 -42.85
N GLN A 249 18.36 -21.44 -43.56
CA GLN A 249 18.72 -22.84 -43.39
C GLN A 249 20.07 -23.17 -44.02
N ASN A 250 20.57 -22.29 -44.90
CA ASN A 250 21.78 -22.61 -45.64
C ASN A 250 23.01 -21.97 -45.03
N VAL A 251 23.03 -20.64 -44.93
CA VAL A 251 24.27 -19.88 -44.81
C VAL A 251 24.71 -19.72 -43.36
N ASN A 252 23.81 -19.98 -42.41
CA ASN A 252 23.96 -19.96 -40.94
C ASN A 252 24.83 -18.83 -40.39
N ASN A 253 24.76 -17.64 -40.99
CA ASN A 253 25.55 -16.49 -40.59
C ASN A 253 24.86 -15.25 -41.13
N MET A 254 24.76 -14.21 -40.30
CA MET A 254 24.08 -12.99 -40.73
C MET A 254 24.90 -12.23 -41.77
N LYS A 255 26.23 -12.25 -41.65
CA LYS A 255 27.08 -11.62 -42.66
C LYS A 255 26.96 -12.31 -44.00
N GLU A 256 26.78 -13.63 -44.00
CA GLU A 256 26.60 -14.35 -45.25
C GLU A 256 25.19 -14.25 -45.79
N LEU A 257 24.22 -13.94 -44.94
CA LEU A 257 22.83 -13.89 -45.39
C LEU A 257 22.55 -12.59 -46.15
N ILE A 258 23.12 -11.48 -45.67
CA ILE A 258 22.95 -10.20 -46.34
C ILE A 258 23.64 -10.23 -47.70
N GLU A 259 24.79 -10.90 -47.78
CA GLU A 259 25.43 -11.12 -49.08
C GLU A 259 24.60 -12.06 -49.94
N LYS A 260 23.89 -13.00 -49.32
CA LYS A 260 23.07 -13.92 -50.11
C LYS A 260 21.77 -13.28 -50.54
N VAL A 261 21.08 -12.62 -49.62
CA VAL A 261 19.83 -11.93 -49.91
C VAL A 261 20.06 -10.44 -49.75
N PRO A 262 20.25 -9.72 -50.86
CA PRO A 262 20.38 -8.27 -50.77
C PRO A 262 19.02 -7.59 -50.76
N ASP A 263 19.07 -6.27 -50.56
CA ASP A 263 17.92 -5.36 -50.70
C ASP A 263 16.81 -5.71 -49.71
N MET A 264 17.19 -6.13 -48.52
CA MET A 264 16.20 -6.37 -47.49
C MET A 264 15.75 -5.05 -46.88
N SER A 265 14.57 -5.08 -46.28
CA SER A 265 14.12 -3.94 -45.50
C SER A 265 14.99 -3.81 -44.25
N GLU A 266 15.13 -2.57 -43.79
CA GLU A 266 15.94 -2.33 -42.61
C GLU A 266 15.27 -2.86 -41.35
N LEU A 267 13.96 -3.07 -41.40
CA LEU A 267 13.25 -3.66 -40.27
C LEU A 267 13.23 -5.17 -40.36
N LYS A 268 13.18 -5.74 -41.57
CA LYS A 268 13.14 -7.20 -41.70
C LYS A 268 14.48 -7.81 -41.39
N LYS A 269 15.55 -7.20 -41.88
CA LYS A 269 16.91 -7.59 -41.54
C LYS A 269 17.17 -7.42 -40.05
N SER A 270 16.46 -6.50 -39.41
CA SER A 270 16.54 -6.35 -37.97
C SER A 270 15.79 -7.45 -37.24
N GLN A 271 14.74 -8.00 -37.85
CA GLN A 271 13.98 -9.05 -37.18
C GLN A 271 14.69 -10.39 -37.25
N VAL A 272 15.33 -10.69 -38.38
CA VAL A 272 16.01 -11.96 -38.55
C VAL A 272 17.23 -12.04 -37.64
N PHE A 273 17.93 -10.92 -37.48
CA PHE A 273 19.08 -10.89 -36.60
C PHE A 273 18.67 -11.07 -35.14
N TYR A 274 17.48 -10.60 -34.77
CA TYR A 274 17.00 -10.82 -33.42
C TYR A 274 16.68 -12.28 -33.18
N LYS A 275 15.92 -12.89 -34.08
CA LYS A 275 15.44 -14.24 -33.83
C LYS A 275 16.50 -15.30 -34.11
N TYR A 276 17.14 -15.22 -35.26
CA TYR A 276 17.94 -16.34 -35.73
C TYR A 276 19.42 -16.21 -35.46
N TYR A 277 19.93 -15.03 -35.14
CA TYR A 277 21.37 -14.85 -35.08
C TYR A 277 21.87 -14.05 -33.88
N LEU A 278 21.04 -13.78 -32.88
CA LEU A 278 21.51 -12.95 -31.78
C LEU A 278 22.08 -13.80 -30.66
N ASP A 279 21.60 -15.02 -30.49
CA ASP A 279 22.12 -15.90 -29.45
C ASP A 279 23.52 -16.38 -29.76
N LYS A 280 23.81 -16.66 -31.03
CA LYS A 280 24.99 -17.42 -31.38
C LYS A 280 26.09 -16.62 -32.05
N GLU A 281 25.89 -15.34 -32.34
CA GLU A 281 26.94 -14.53 -32.91
C GLU A 281 27.53 -13.58 -31.87
N GLU A 282 28.81 -13.32 -32.01
CA GLU A 282 29.47 -12.34 -31.16
C GLU A 282 29.13 -10.93 -31.63
N LEU A 283 29.04 -10.01 -30.68
CA LEU A 283 28.56 -8.66 -30.95
C LEU A 283 29.73 -7.73 -31.24
N ASN A 284 29.91 -7.41 -32.51
CA ASN A 284 30.81 -6.36 -32.97
C ASN A 284 30.04 -5.04 -32.91
N ASP A 285 30.75 -3.93 -33.11
CA ASP A 285 30.06 -2.65 -33.22
C ASP A 285 29.32 -2.50 -34.54
N LYS A 286 29.61 -3.32 -35.55
CA LYS A 286 28.89 -3.22 -36.80
C LYS A 286 27.59 -4.01 -36.75
N ASN A 287 27.59 -5.18 -36.13
CA ASN A 287 26.38 -5.98 -36.09
C ASN A 287 25.50 -5.71 -34.88
N ILE A 288 25.92 -4.81 -33.99
CA ILE A 288 25.06 -4.43 -32.88
C ILE A 288 23.93 -3.53 -33.36
N LYS A 289 24.10 -2.87 -34.52
CA LYS A 289 23.10 -1.94 -35.01
C LYS A 289 21.89 -2.64 -35.60
N TYR A 290 21.95 -3.94 -35.85
CA TYR A 290 20.79 -4.60 -36.41
C TYR A 290 19.72 -4.84 -35.35
N ALA A 291 20.08 -4.87 -34.08
CA ALA A 291 19.08 -5.21 -33.08
C ALA A 291 18.24 -4.03 -32.66
N PHE A 292 18.53 -2.82 -33.14
CA PHE A 292 17.82 -1.65 -32.65
C PHE A 292 16.62 -1.26 -33.47
N CYS A 293 16.59 -1.58 -34.77
CA CYS A 293 15.39 -1.30 -35.53
C CYS A 293 14.24 -2.21 -35.11
N HIS A 294 14.54 -3.36 -34.52
CA HIS A 294 13.51 -4.23 -33.97
C HIS A 294 13.10 -3.79 -32.58
N PHE A 295 14.02 -3.24 -31.78
CA PHE A 295 13.64 -2.77 -30.45
C PHE A 295 12.82 -1.50 -30.52
N VAL A 296 13.06 -0.65 -31.51
CA VAL A 296 12.26 0.56 -31.64
C VAL A 296 10.85 0.22 -32.13
N GLU A 297 10.76 -0.72 -33.06
CA GLU A 297 9.47 -1.08 -33.62
C GLU A 297 8.57 -1.78 -32.60
N ILE A 298 9.16 -2.43 -31.61
CA ILE A 298 8.36 -2.94 -30.50
C ILE A 298 7.78 -1.79 -29.69
N GLU A 299 8.57 -0.75 -29.44
CA GLU A 299 8.13 0.34 -28.58
C GLU A 299 7.07 1.18 -29.25
N MET A 300 7.17 1.39 -30.55
CA MET A 300 6.10 2.08 -31.26
C MET A 300 4.85 1.22 -31.33
N SER A 301 5.00 -0.10 -31.40
CA SER A 301 3.85 -0.97 -31.38
C SER A 301 3.20 -1.03 -30.00
N GLN A 302 4.00 -0.96 -28.94
CA GLN A 302 3.42 -0.96 -27.60
C GLN A 302 2.74 0.36 -27.28
N LEU A 303 3.13 1.45 -27.92
CA LEU A 303 2.41 2.70 -27.72
C LEU A 303 1.07 2.68 -28.43
N LEU A 304 1.00 2.01 -29.58
CA LEU A 304 -0.27 1.93 -30.28
C LEU A 304 -1.21 0.96 -29.60
N LYS A 305 -0.69 -0.09 -28.96
CA LYS A 305 -1.56 -1.03 -28.26
C LYS A 305 -2.13 -0.44 -26.99
N ASN A 306 -1.53 0.61 -26.45
CA ASN A 306 -2.03 1.21 -25.23
C ASN A 306 -2.80 2.49 -25.46
N TYR A 307 -2.40 3.28 -26.45
CA TYR A 307 -3.01 4.58 -26.65
C TYR A 307 -3.83 4.68 -27.92
N VAL A 308 -3.91 3.62 -28.73
CA VAL A 308 -4.75 3.60 -29.91
C VAL A 308 -5.65 2.36 -29.92
N TYR A 309 -5.06 1.17 -29.82
CA TYR A 309 -5.80 -0.05 -30.12
C TYR A 309 -6.72 -0.43 -28.97
N LYS A 310 -6.17 -0.73 -27.80
CA LYS A 310 -6.97 -1.20 -26.68
C LYS A 310 -7.57 -0.01 -25.95
N ARG A 311 -8.89 0.15 -26.09
CA ARG A 311 -9.79 0.98 -25.28
C ARG A 311 -9.66 2.48 -25.52
N LEU A 312 -8.64 2.87 -26.31
CA LEU A 312 -8.15 4.19 -26.77
C LEU A 312 -7.22 5.07 -25.89
N SER A 313 -6.98 4.86 -24.59
CA SER A 313 -7.87 4.45 -23.50
C SER A 313 -8.66 5.67 -23.02
N ASN A 314 -9.23 5.57 -21.83
CA ASN A 314 -10.14 6.58 -21.24
C ASN A 314 -9.40 7.88 -20.92
N ILE A 315 -8.10 8.01 -21.20
CA ILE A 315 -7.25 9.12 -20.76
C ILE A 315 -7.69 10.49 -21.29
N SER A 316 -7.57 10.71 -22.60
CA SER A 316 -7.60 12.06 -23.15
C SER A 316 -7.47 12.03 -24.67
N ASN A 317 -7.62 13.21 -25.27
CA ASN A 317 -7.23 13.45 -26.65
C ASN A 317 -6.02 14.38 -26.64
N ASP A 318 -5.80 15.07 -25.52
CA ASP A 318 -4.64 15.96 -25.41
C ASP A 318 -3.38 15.17 -25.10
N LYS A 319 -3.54 13.97 -24.55
CA LYS A 319 -2.43 13.07 -24.29
C LYS A 319 -1.74 12.66 -25.59
N ILE A 320 -2.54 12.38 -26.61
CA ILE A 320 -2.09 11.85 -27.89
C ILE A 320 -1.19 12.83 -28.63
N LYS A 321 -1.50 14.12 -28.49
CA LYS A 321 -0.64 15.17 -29.03
C LYS A 321 0.72 15.15 -28.36
N ARG A 322 0.76 14.84 -27.06
CA ARG A 322 2.02 14.84 -26.35
C ARG A 322 2.83 13.59 -26.66
N ILE A 323 2.16 12.48 -26.94
CA ILE A 323 2.87 11.23 -27.17
C ILE A 323 3.44 11.18 -28.59
N PHE A 324 2.59 11.40 -29.59
CA PHE A 324 2.92 10.95 -30.94
C PHE A 324 3.51 11.99 -31.87
N GLU A 325 3.66 13.24 -31.45
CA GLU A 325 4.41 14.19 -32.27
C GLU A 325 5.85 13.75 -32.37
N TYR A 326 6.45 13.98 -33.55
CA TYR A 326 7.68 13.31 -33.95
C TYR A 326 8.85 13.67 -33.04
N GLN A 327 8.95 14.93 -32.64
CA GLN A 327 10.04 15.31 -31.77
C GLN A 327 9.80 14.81 -30.35
N ASN A 328 8.53 14.70 -29.95
CA ASN A 328 8.22 14.09 -28.66
C ASN A 328 8.36 12.58 -28.72
N LEU A 329 8.01 11.97 -29.85
CA LEU A 329 8.07 10.52 -29.97
C LEU A 329 9.50 10.02 -30.03
N LYS A 330 10.37 10.75 -30.73
CA LYS A 330 11.77 10.40 -30.79
C LYS A 330 12.43 10.52 -29.43
N LYS A 331 11.96 11.47 -28.62
CA LYS A 331 12.48 11.60 -27.28
C LYS A 331 11.90 10.54 -26.36
N LEU A 332 10.63 10.19 -26.54
CA LEU A 332 9.97 9.29 -25.61
C LEU A 332 10.44 7.86 -25.78
N ILE A 333 10.73 7.43 -27.00
CA ILE A 333 11.18 6.07 -27.22
C ILE A 333 12.58 5.88 -26.67
N GLU A 334 13.47 6.85 -26.90
CA GLU A 334 14.78 6.73 -26.28
C GLU A 334 14.74 7.04 -24.80
N ASN A 335 13.68 7.65 -24.28
CA ASN A 335 13.55 7.73 -22.84
C ASN A 335 12.94 6.46 -22.27
N LYS A 336 12.54 5.53 -23.13
CA LYS A 336 11.93 4.29 -22.73
C LYS A 336 12.82 3.09 -23.00
N LEU A 337 13.76 3.20 -23.93
CA LEU A 337 14.81 2.19 -24.01
C LEU A 337 15.85 2.37 -22.92
N LEU A 338 16.15 3.63 -22.57
CA LEU A 338 17.06 3.89 -21.47
C LEU A 338 16.47 3.51 -20.12
N ASN A 339 15.15 3.43 -20.03
CA ASN A 339 14.54 2.83 -18.85
C ASN A 339 14.81 1.34 -18.81
N LYS A 340 14.61 0.66 -19.95
CA LYS A 340 14.75 -0.78 -20.00
C LYS A 340 16.20 -1.21 -19.90
N LEU A 341 17.13 -0.34 -20.31
CA LEU A 341 18.54 -0.62 -20.06
C LEU A 341 18.84 -0.53 -18.58
N ASP A 342 18.30 0.48 -17.90
CA ASP A 342 18.62 0.67 -16.50
C ASP A 342 17.94 -0.32 -15.59
N THR A 343 16.81 -0.91 -15.99
CA THR A 343 16.23 -1.97 -15.18
C THR A 343 17.04 -3.24 -15.27
N TYR A 344 17.70 -3.47 -16.41
CA TYR A 344 18.58 -4.62 -16.55
C TYR A 344 19.76 -4.50 -15.60
N VAL A 345 20.46 -3.36 -15.63
CA VAL A 345 21.62 -3.12 -14.79
C VAL A 345 21.23 -3.11 -13.32
N ARG A 346 20.01 -2.66 -13.02
CA ARG A 346 19.53 -2.71 -11.65
C ARG A 346 19.20 -4.14 -11.24
N ASN A 347 18.72 -4.96 -12.18
CA ASN A 347 18.43 -6.34 -11.83
C ASN A 347 19.71 -7.16 -11.73
N CYS A 348 20.73 -6.82 -12.50
CA CYS A 348 22.00 -7.52 -12.36
C CYS A 348 22.70 -7.17 -11.06
N GLY A 349 22.38 -6.03 -10.46
CA GLY A 349 22.89 -5.74 -9.13
C GLY A 349 22.03 -6.32 -8.03
N LYS A 350 20.72 -6.40 -8.25
CA LYS A 350 19.84 -6.97 -7.23
C LYS A 350 20.02 -8.47 -7.14
N TYR A 351 20.21 -9.12 -8.27
CA TYR A 351 20.39 -10.57 -8.30
C TYR A 351 21.82 -10.97 -8.05
N ASN A 352 22.68 -10.05 -7.64
CA ASN A 352 24.05 -10.38 -7.34
C ASN A 352 24.23 -10.61 -5.84
N TYR A 353 23.40 -9.99 -5.02
CA TYR A 353 23.46 -10.21 -3.59
C TYR A 353 22.64 -11.40 -3.16
N TYR A 354 21.59 -11.72 -3.90
CA TYR A 354 20.54 -12.63 -3.46
C TYR A 354 20.64 -14.00 -4.08
N LEU A 355 21.70 -14.28 -4.82
CA LEU A 355 21.78 -15.47 -5.65
C LEU A 355 23.17 -16.05 -5.46
N GLN A 356 23.28 -17.38 -5.54
CA GLN A 356 24.57 -18.04 -5.42
C GLN A 356 25.11 -18.38 -6.80
N ASP A 357 26.21 -19.14 -6.82
CA ASP A 357 27.24 -19.19 -7.90
C ASP A 357 26.67 -19.35 -9.31
N GLY A 358 25.80 -20.33 -9.64
CA GLY A 358 25.25 -21.43 -8.85
C GLY A 358 23.77 -21.59 -9.06
N GLU A 359 23.11 -20.55 -9.56
CA GLU A 359 21.66 -20.56 -9.67
C GLU A 359 21.22 -19.61 -10.78
N ILE A 360 20.11 -19.94 -11.42
CA ILE A 360 19.46 -19.08 -12.40
C ILE A 360 18.18 -18.56 -11.78
N ALA A 361 17.90 -17.27 -11.97
CA ALA A 361 16.76 -16.63 -11.33
C ALA A 361 15.43 -17.07 -11.95
N THR A 362 14.89 -18.18 -11.46
CA THR A 362 13.55 -18.60 -11.87
C THR A 362 12.50 -17.71 -11.19
N SER A 363 11.26 -17.85 -11.64
CA SER A 363 10.18 -17.04 -11.07
C SER A 363 9.82 -17.46 -9.66
N ASP A 364 10.19 -18.67 -9.25
CA ASP A 364 10.10 -19.01 -7.83
C ASP A 364 11.09 -18.19 -7.03
N PHE A 365 12.28 -17.97 -7.57
CA PHE A 365 13.27 -17.16 -6.89
C PHE A 365 12.89 -15.70 -6.90
N ILE A 366 12.45 -15.18 -8.05
CA ILE A 366 12.22 -13.75 -8.23
C ILE A 366 11.05 -13.28 -7.37
N ALA A 367 9.97 -14.05 -7.32
CA ALA A 367 8.81 -13.66 -6.54
C ALA A 367 9.11 -13.73 -5.04
N ARG A 368 9.90 -14.70 -4.62
CA ARG A 368 10.33 -14.76 -3.23
C ARG A 368 11.33 -13.65 -2.92
N ASN A 369 12.11 -13.25 -3.93
CA ASN A 369 13.08 -12.18 -3.73
C ASN A 369 12.38 -10.84 -3.54
N ARG A 370 11.32 -10.58 -4.31
CA ARG A 370 10.61 -9.32 -4.19
C ARG A 370 9.90 -9.22 -2.85
N GLN A 371 9.43 -10.32 -2.31
CA GLN A 371 8.76 -10.27 -1.01
C GLN A 371 9.74 -10.21 0.14
N ASN A 372 11.02 -10.47 -0.09
CA ASN A 372 12.04 -10.19 0.91
C ASN A 372 12.65 -8.83 0.73
N GLU A 373 12.66 -8.30 -0.48
CA GLU A 373 13.17 -6.95 -0.69
C GLU A 373 12.15 -5.91 -0.23
N ALA A 374 10.86 -6.19 -0.41
CA ALA A 374 9.82 -5.35 0.15
C ALA A 374 9.77 -5.43 1.66
N PHE A 375 10.26 -6.53 2.23
CA PHE A 375 10.44 -6.62 3.67
C PHE A 375 11.51 -5.67 4.16
N LEU A 376 12.62 -5.55 3.43
CA LEU A 376 13.70 -4.67 3.85
C LEU A 376 13.32 -3.21 3.76
N ARG A 377 12.57 -2.83 2.73
CA ARG A 377 12.18 -1.44 2.57
C ARG A 377 11.13 -1.02 3.59
N ASN A 378 10.54 -1.96 4.31
CA ASN A 378 9.64 -1.66 5.39
C ASN A 378 10.36 -1.59 6.72
N ILE A 379 11.56 -2.15 6.83
CA ILE A 379 12.34 -2.01 8.04
C ILE A 379 13.23 -0.77 7.97
N ILE A 380 13.63 -0.37 6.76
CA ILE A 380 14.22 0.95 6.59
C ILE A 380 13.21 2.04 6.91
N GLY A 381 11.96 1.81 6.56
CA GLY A 381 10.92 2.76 6.88
C GLY A 381 10.58 2.81 8.35
N VAL A 382 10.71 1.68 9.06
CA VAL A 382 10.36 1.69 10.47
C VAL A 382 11.50 2.25 11.31
N SER A 383 12.70 2.33 10.77
CA SER A 383 13.79 2.99 11.48
C SER A 383 13.88 4.47 11.14
N SER A 384 13.15 4.92 10.14
CA SER A 384 13.06 6.35 9.85
C SER A 384 11.93 7.02 10.61
N VAL A 385 10.88 6.27 10.93
CA VAL A 385 9.87 6.77 11.84
C VAL A 385 10.41 6.78 13.26
N ALA A 386 11.19 5.77 13.62
CA ALA A 386 11.68 5.66 14.98
C ALA A 386 12.74 6.71 15.30
N TYR A 387 13.54 7.12 14.30
CA TYR A 387 14.35 8.32 14.47
C TYR A 387 13.48 9.54 14.71
N PHE A 388 12.43 9.68 13.90
CA PHE A 388 11.56 10.84 13.97
C PHE A 388 10.78 10.90 15.27
N SER A 389 10.32 9.77 15.79
CA SER A 389 9.69 9.80 17.09
C SER A 389 10.70 9.97 18.21
N LEU A 390 11.96 9.64 17.96
CA LEU A 390 13.00 9.93 18.94
C LEU A 390 13.47 11.37 18.86
N ARG A 391 13.18 12.06 17.76
CA ARG A 391 13.54 13.47 17.70
C ARG A 391 12.47 14.35 18.31
N ASN A 392 11.22 13.89 18.35
CA ASN A 392 10.18 14.64 19.03
C ASN A 392 10.21 14.41 20.52
N ILE A 393 10.64 13.22 20.94
CA ILE A 393 10.68 12.86 22.35
C ILE A 393 11.86 13.53 23.03
N LEU A 394 12.78 14.08 22.26
CA LEU A 394 14.02 14.70 22.71
C LEU A 394 14.22 15.88 21.77
N GLU A 395 13.65 17.02 22.14
CA GLU A 395 13.46 18.10 21.17
C GLU A 395 14.78 18.73 20.76
N THR A 396 15.17 18.51 19.52
CA THR A 396 16.39 19.06 18.95
C THR A 396 16.03 20.29 18.14
N GLU A 397 16.71 21.40 18.42
CA GLU A 397 16.43 22.63 17.69
C GLU A 397 17.16 22.65 16.35
N ASN A 398 18.22 21.83 16.23
CA ASN A 398 19.05 21.90 15.03
C ASN A 398 18.40 21.15 13.86
N GLU A 399 17.45 20.25 14.16
CA GLU A 399 16.97 19.16 13.30
C GLU A 399 18.09 18.53 12.48
N ASN A 400 19.13 18.08 13.18
CA ASN A 400 20.29 17.43 12.57
C ASN A 400 20.59 16.17 13.36
N ASP A 401 20.63 15.04 12.65
CA ASP A 401 20.69 13.74 13.29
C ASP A 401 22.07 13.10 13.16
N ILE A 402 22.28 11.89 13.72
CA ILE A 402 22.11 11.30 15.08
C ILE A 402 23.00 10.07 14.92
N THR A 403 23.87 9.79 15.90
CA THR A 403 25.03 8.93 15.68
C THR A 403 25.12 8.11 17.00
N GLY A 404 26.23 7.51 17.49
CA GLY A 404 27.42 8.18 18.01
C GLY A 404 26.92 8.87 19.28
N ARG A 405 26.53 10.13 19.08
CA ARG A 405 25.96 11.02 20.09
C ARG A 405 24.74 10.46 20.81
N MET A 406 24.27 11.23 21.81
CA MET A 406 23.25 10.98 22.84
C MET A 406 23.78 10.15 23.99
N ARG A 407 25.11 10.12 24.16
CA ARG A 407 25.70 9.86 25.47
C ARG A 407 27.03 10.58 25.53
N GLY A 408 27.40 11.04 26.72
CA GLY A 408 28.65 11.76 26.90
C GLY A 408 29.88 10.88 26.94
N LYS A 409 30.66 10.90 25.86
CA LYS A 409 31.97 10.26 25.82
C LYS A 409 32.94 11.23 25.17
N THR A 410 34.00 11.58 25.90
CA THR A 410 35.00 12.48 25.37
C THR A 410 35.84 11.79 24.28
N VAL A 411 36.54 12.61 23.51
CA VAL A 411 37.33 12.12 22.39
C VAL A 411 38.55 13.00 22.27
N LYS A 412 39.61 12.48 21.65
CA LYS A 412 40.88 13.19 21.58
C LYS A 412 40.84 14.25 20.49
N ASN A 413 41.25 15.46 20.83
CA ASN A 413 41.45 16.56 19.90
C ASN A 413 42.65 16.32 19.00
N ASN A 414 42.82 17.23 18.04
CA ASN A 414 44.06 17.30 17.29
C ASN A 414 45.17 17.92 18.13
N LYS A 415 44.80 18.83 19.03
CA LYS A 415 45.73 19.52 19.91
C LYS A 415 45.18 19.47 21.33
N GLY A 416 45.95 18.87 22.24
CA GLY A 416 45.59 18.81 23.65
C GLY A 416 44.87 17.55 24.08
N GLU A 417 44.08 16.94 23.18
CA GLU A 417 43.37 15.66 23.39
C GLU A 417 42.39 15.72 24.56
N GLU A 418 41.84 16.90 24.84
CA GLU A 418 40.92 17.08 25.97
C GLU A 418 39.74 17.92 25.51
N LYS A 419 38.56 17.32 25.47
CA LYS A 419 37.33 18.03 25.18
C LYS A 419 36.18 17.28 25.80
N TYR A 420 34.96 17.76 25.58
CA TYR A 420 33.75 17.01 25.88
C TYR A 420 32.74 17.25 24.77
N VAL A 421 32.18 16.16 24.24
CA VAL A 421 31.32 16.22 23.07
C VAL A 421 29.96 16.76 23.45
N SER A 422 29.15 17.09 22.44
CA SER A 422 27.81 17.63 22.66
C SER A 422 26.80 16.50 22.55
N GLY A 423 26.46 15.90 23.69
CA GLY A 423 25.45 14.86 23.74
C GLY A 423 24.08 15.47 23.92
N GLU A 424 23.13 15.05 23.07
CA GLU A 424 21.80 15.65 23.07
C GLU A 424 21.01 15.28 24.31
N VAL A 425 21.33 14.17 24.97
CA VAL A 425 20.70 13.90 26.25
C VAL A 425 21.30 14.76 27.35
N ASP A 426 22.55 15.22 27.18
CA ASP A 426 23.10 16.23 28.08
C ASP A 426 22.71 17.63 27.69
N LYS A 427 22.15 17.82 26.49
CA LYS A 427 21.57 19.11 26.12
C LYS A 427 20.20 19.31 26.74
N ILE A 428 19.64 18.30 27.40
CA ILE A 428 18.46 18.50 28.23
C ILE A 428 18.80 19.43 29.38
N TYR A 429 19.90 19.13 30.06
CA TYR A 429 20.23 19.70 31.35
C TYR A 429 20.91 21.04 31.25
N ASN A 430 21.10 21.54 30.04
CA ASN A 430 21.58 22.90 29.84
C ASN A 430 20.43 23.86 29.58
N GLU A 431 19.42 23.41 28.84
CA GLU A 431 18.22 24.20 28.58
C GLU A 431 17.16 23.95 29.65
N ASN A 432 17.41 23.00 30.56
CA ASN A 432 16.49 22.57 31.62
C ASN A 432 15.16 22.12 31.03
N LYS A 433 15.23 21.32 29.96
CA LYS A 433 14.06 20.77 29.30
C LYS A 433 13.54 19.50 29.95
N LYS A 434 14.06 19.15 31.13
CA LYS A 434 13.70 17.88 31.75
C LYS A 434 12.26 17.87 32.27
N ASN A 435 11.62 19.02 32.40
CA ASN A 435 10.19 19.04 32.63
C ASN A 435 9.40 18.84 31.36
N GLU A 436 10.03 19.02 30.21
CA GLU A 436 9.38 18.89 28.92
C GLU A 436 9.73 17.59 28.22
N VAL A 437 10.95 17.10 28.39
CA VAL A 437 11.31 15.78 27.89
C VAL A 437 10.54 14.70 28.64
N LYS A 438 10.40 14.84 29.96
CA LYS A 438 9.57 13.93 30.73
C LYS A 438 8.10 14.04 30.33
N GLU A 439 7.68 15.21 29.86
CA GLU A 439 6.35 15.34 29.30
C GLU A 439 6.22 14.63 27.96
N ASN A 440 7.26 14.68 27.12
CA ASN A 440 7.21 13.96 25.85
C ASN A 440 7.46 12.48 26.01
N LEU A 441 8.22 12.09 27.03
CA LEU A 441 8.45 10.67 27.29
C LEU A 441 7.18 10.00 27.78
N LYS A 442 6.26 10.75 28.37
CA LYS A 442 5.05 10.19 28.93
C LYS A 442 4.08 9.76 27.82
N MET A 443 4.10 10.47 26.68
CA MET A 443 3.17 10.15 25.61
C MET A 443 3.52 8.84 24.92
N PHE A 444 4.80 8.52 24.85
CA PHE A 444 5.24 7.34 24.12
C PHE A 444 5.34 6.10 24.98
N TYR A 445 5.42 6.24 26.30
CA TYR A 445 5.87 5.12 27.13
C TYR A 445 4.96 4.77 28.29
N SER A 446 4.34 5.75 28.94
CA SER A 446 3.53 5.57 30.15
C SER A 446 4.31 4.85 31.25
N TYR A 447 5.56 5.26 31.41
CA TYR A 447 6.38 4.87 32.55
C TYR A 447 6.62 6.10 33.40
N ASP A 448 6.72 5.93 34.70
CA ASP A 448 6.90 7.07 35.60
C ASP A 448 8.39 7.37 35.69
N PHE A 449 8.85 8.33 34.90
CA PHE A 449 10.26 8.70 34.88
C PHE A 449 10.59 9.60 36.05
N ASN A 450 11.87 9.65 36.39
CA ASN A 450 12.39 10.53 37.42
C ASN A 450 13.66 11.19 36.91
N MET A 451 13.56 12.45 36.49
CA MET A 451 14.65 13.11 35.78
C MET A 451 15.84 13.43 36.68
N ASP A 452 15.67 13.27 37.99
CA ASP A 452 16.75 13.60 38.92
C ASP A 452 17.84 12.52 38.89
N ASN A 453 17.53 11.34 38.36
CA ASN A 453 18.52 10.28 38.28
C ASN A 453 19.62 10.62 37.28
N LYS A 454 19.23 10.96 36.05
CA LYS A 454 19.98 11.65 34.99
C LYS A 454 21.19 10.90 34.45
N ASN A 455 21.53 9.77 35.06
CA ASN A 455 22.48 8.86 34.44
C ASN A 455 21.75 7.60 34.04
N GLU A 456 20.63 7.33 34.71
CA GLU A 456 19.74 6.25 34.32
C GLU A 456 18.98 6.61 33.05
N ILE A 457 18.77 7.91 32.83
CA ILE A 457 18.00 8.36 31.67
C ILE A 457 18.89 8.46 30.44
N GLU A 458 20.14 8.91 30.62
CA GLU A 458 21.06 9.00 29.49
C GLU A 458 21.49 7.62 29.03
N ASP A 459 21.32 6.60 29.87
CA ASP A 459 21.52 5.23 29.43
C ASP A 459 20.27 4.70 28.76
N PHE A 460 19.11 5.29 29.07
CA PHE A 460 17.88 4.85 28.43
C PHE A 460 17.78 5.35 27.01
N PHE A 461 18.19 6.60 26.76
CA PHE A 461 18.20 7.10 25.40
C PHE A 461 19.31 6.48 24.57
N ALA A 462 20.32 5.93 25.21
CA ALA A 462 21.29 5.14 24.47
C ALA A 462 20.68 3.85 23.96
N ASN A 463 19.89 3.18 24.80
CA ASN A 463 19.26 1.93 24.38
C ASN A 463 18.12 2.12 23.39
N ILE A 464 17.61 3.34 23.23
CA ILE A 464 16.72 3.58 22.10
C ILE A 464 17.52 3.80 20.83
N ASP A 465 18.60 4.57 20.93
CA ASP A 465 19.36 4.94 19.75
C ASP A 465 20.19 3.77 19.24
N GLU A 466 20.71 2.94 20.14
CA GLU A 466 21.41 1.74 19.71
C GLU A 466 20.46 0.69 19.16
N ALA A 467 19.18 0.73 19.56
CA ALA A 467 18.23 -0.22 19.01
C ALA A 467 17.85 0.15 17.58
N ILE A 468 17.84 1.43 17.24
CA ILE A 468 17.49 1.82 15.89
C ILE A 468 18.67 1.59 14.95
N SER A 469 19.89 1.78 15.46
CA SER A 469 21.06 1.49 14.64
C SER A 469 21.26 -0.01 14.49
N SER A 470 20.71 -0.80 15.42
CA SER A 470 20.84 -2.25 15.31
C SER A 470 20.01 -2.79 14.16
N ILE A 471 18.79 -2.29 13.99
CA ILE A 471 17.98 -2.74 12.86
C ILE A 471 18.40 -2.01 11.60
N ARG A 472 19.16 -0.92 11.74
CA ARG A 472 19.77 -0.30 10.58
C ARG A 472 20.92 -1.13 10.05
N HIS A 473 21.75 -1.68 10.94
CA HIS A 473 22.80 -2.59 10.50
C HIS A 473 22.23 -3.94 10.07
N GLY A 474 21.01 -4.27 10.50
CA GLY A 474 20.41 -5.51 10.07
C GLY A 474 20.08 -5.52 8.59
N ILE A 475 19.82 -4.33 8.03
CA ILE A 475 19.54 -4.22 6.61
C ILE A 475 20.81 -4.48 5.81
N VAL A 476 21.96 -4.07 6.35
CA VAL A 476 23.23 -4.32 5.70
C VAL A 476 23.57 -5.79 5.73
N HIS A 477 23.42 -6.42 6.90
CA HIS A 477 23.84 -7.80 7.03
C HIS A 477 22.78 -8.80 6.60
N PHE A 478 21.66 -8.34 6.02
CA PHE A 478 20.74 -9.23 5.31
C PHE A 478 21.11 -9.18 3.83
N ASN A 479 22.40 -9.30 3.56
CA ASN A 479 22.89 -9.38 2.19
C ASN A 479 23.77 -10.59 2.01
N LEU A 480 24.74 -10.75 2.91
CA LEU A 480 25.67 -11.87 2.83
C LEU A 480 24.99 -13.16 3.26
N GLU A 481 23.95 -13.04 4.08
CA GLU A 481 23.22 -14.19 4.61
C GLU A 481 21.75 -13.82 4.71
N LEU A 482 20.89 -14.69 4.19
CA LEU A 482 19.46 -14.39 4.08
C LEU A 482 18.74 -15.03 5.27
N GLU A 483 18.85 -14.36 6.41
CA GLU A 483 18.15 -14.74 7.63
C GLU A 483 17.58 -13.47 8.25
N GLY A 484 16.28 -13.28 8.08
CA GLY A 484 15.66 -12.05 8.57
C GLY A 484 15.35 -12.10 10.05
N LYS A 485 15.52 -13.27 10.67
CA LYS A 485 15.28 -13.38 12.10
C LYS A 485 16.39 -12.72 12.90
N ASP A 486 17.52 -12.44 12.27
CA ASP A 486 18.65 -11.85 12.96
C ASP A 486 18.72 -10.33 12.82
N ILE A 487 17.78 -9.69 12.13
CA ILE A 487 17.82 -8.24 12.11
C ILE A 487 17.17 -7.66 13.35
N PHE A 488 16.33 -8.44 14.05
CA PHE A 488 15.82 -8.05 15.34
C PHE A 488 16.51 -8.83 16.45
N ALA A 489 17.77 -9.20 16.24
CA ALA A 489 18.52 -9.89 17.28
C ALA A 489 18.98 -8.93 18.36
N PHE A 490 19.29 -7.69 17.98
CA PHE A 490 19.74 -6.63 18.88
C PHE A 490 20.95 -7.04 19.70
N LYS A 491 21.91 -7.69 19.03
CA LYS A 491 23.05 -8.27 19.73
C LYS A 491 23.95 -7.18 20.29
N ASN A 492 24.61 -7.53 21.39
CA ASN A 492 25.56 -6.67 22.11
C ASN A 492 24.91 -5.37 22.58
N ILE A 493 23.63 -5.44 22.94
CA ILE A 493 22.90 -4.29 23.47
C ILE A 493 22.30 -4.71 24.80
N ALA A 494 22.85 -4.24 25.83
CA ALA A 494 22.29 -4.51 27.14
C ALA A 494 21.22 -3.46 27.47
N PRO A 495 20.07 -3.89 27.95
CA PRO A 495 19.02 -2.92 28.32
C PRO A 495 19.39 -2.11 29.54
N SER A 496 18.74 -0.97 29.67
CA SER A 496 18.98 -0.07 30.78
C SER A 496 18.29 -0.60 32.03
N GLU A 497 18.43 0.16 33.12
CA GLU A 497 17.62 -0.12 34.29
C GLU A 497 16.19 0.33 34.09
N ILE A 498 15.96 1.31 33.22
CA ILE A 498 14.60 1.72 32.92
C ILE A 498 13.94 0.71 31.98
N SER A 499 14.55 0.47 30.82
CA SER A 499 13.95 -0.35 29.78
C SER A 499 13.79 -1.81 30.19
N LYS A 500 14.55 -2.27 31.17
CA LYS A 500 14.26 -3.57 31.77
C LYS A 500 13.05 -3.47 32.69
N LYS A 501 13.01 -2.43 33.51
CA LYS A 501 11.90 -2.27 34.43
C LYS A 501 10.63 -1.84 33.71
N MET A 502 10.77 -1.12 32.61
CA MET A 502 9.59 -0.70 31.86
C MET A 502 8.97 -1.86 31.11
N PHE A 503 9.78 -2.79 30.64
CA PHE A 503 9.23 -3.92 29.89
C PHE A 503 8.55 -4.91 30.80
N GLN A 504 9.15 -5.21 31.96
CA GLN A 504 8.56 -6.18 32.87
C GLN A 504 7.29 -5.67 33.54
N ASN A 505 7.09 -4.36 33.58
CA ASN A 505 5.84 -3.79 34.07
C ASN A 505 4.79 -3.65 32.97
N GLU A 506 5.03 -4.24 31.80
CA GLU A 506 4.07 -4.26 30.72
C GLU A 506 3.85 -5.66 30.19
N ILE A 507 4.49 -6.67 30.78
CA ILE A 507 4.35 -8.04 30.35
C ILE A 507 3.74 -8.93 31.43
N ASN A 508 4.05 -8.68 32.71
CA ASN A 508 3.63 -9.56 33.80
C ASN A 508 2.11 -9.64 33.91
N GLU A 509 1.65 -10.79 34.40
CA GLU A 509 0.28 -11.22 34.17
C GLU A 509 -0.72 -10.40 34.99
N LYS A 510 -0.27 -9.71 36.03
CA LYS A 510 -1.18 -8.86 36.78
C LYS A 510 -1.49 -7.57 36.03
N LYS A 511 -0.49 -6.99 35.36
CA LYS A 511 -0.68 -5.72 34.68
C LYS A 511 -1.50 -5.86 33.41
N LEU A 512 -1.38 -7.00 32.72
CA LEU A 512 -2.20 -7.23 31.55
C LEU A 512 -3.66 -7.43 31.90
N LYS A 513 -3.95 -7.88 33.12
CA LYS A 513 -5.34 -7.97 33.56
C LYS A 513 -5.96 -6.60 33.72
N LEU A 514 -5.18 -5.62 34.19
CA LEU A 514 -5.68 -4.26 34.29
C LEU A 514 -5.58 -3.49 32.97
N LYS A 515 -5.15 -4.13 31.90
CA LYS A 515 -5.33 -3.56 30.58
C LYS A 515 -6.52 -4.16 29.86
N ILE A 516 -6.77 -5.46 30.08
CA ILE A 516 -8.01 -6.06 29.66
C ILE A 516 -9.19 -5.40 30.35
N PHE A 517 -9.03 -5.07 31.63
CA PHE A 517 -10.08 -4.39 32.38
C PHE A 517 -10.32 -2.99 31.87
N ARG A 518 -9.26 -2.30 31.45
CA ARG A 518 -9.41 -0.97 30.90
C ARG A 518 -10.07 -1.02 29.54
N GLN A 519 -9.76 -2.04 28.74
CA GLN A 519 -10.41 -2.18 27.44
C GLN A 519 -11.87 -2.58 27.61
N LEU A 520 -12.19 -3.36 28.64
CA LEU A 520 -13.59 -3.67 28.93
C LEU A 520 -14.34 -2.44 29.41
N ASN A 521 -13.68 -1.60 30.20
CA ASN A 521 -14.36 -0.41 30.71
C ASN A 521 -14.51 0.63 29.62
N SER A 522 -13.47 0.82 28.80
CA SER A 522 -13.52 1.84 27.76
C SER A 522 -14.47 1.47 26.63
N ALA A 523 -14.80 0.19 26.48
CA ALA A 523 -15.76 -0.22 25.49
C ALA A 523 -17.19 -0.23 26.01
N ASN A 524 -17.41 0.30 27.22
CA ASN A 524 -18.73 0.42 27.85
C ASN A 524 -19.40 -0.93 28.03
N VAL A 525 -18.65 -1.90 28.53
CA VAL A 525 -19.22 -3.23 28.74
C VAL A 525 -19.84 -3.32 30.12
N PHE A 526 -19.17 -2.72 31.11
CA PHE A 526 -19.63 -2.74 32.50
C PHE A 526 -20.93 -1.98 32.71
N ARG A 527 -21.25 -1.04 31.82
CA ARG A 527 -22.47 -0.30 31.93
C ARG A 527 -23.65 -1.01 31.27
N TYR A 528 -23.40 -1.86 30.29
CA TYR A 528 -24.49 -2.50 29.57
C TYR A 528 -24.59 -3.99 29.79
N LEU A 529 -23.82 -4.57 30.70
CA LEU A 529 -24.04 -5.95 31.12
C LEU A 529 -24.17 -6.05 32.63
N GLU A 530 -24.83 -7.12 33.04
CA GLU A 530 -24.89 -7.48 34.44
C GLU A 530 -23.55 -8.05 34.89
N LYS A 531 -23.41 -8.24 36.21
CA LYS A 531 -22.14 -8.71 36.73
C LYS A 531 -21.93 -10.19 36.45
N TYR A 532 -22.98 -11.00 36.56
CA TYR A 532 -22.80 -12.41 36.28
C TYR A 532 -22.87 -12.72 34.79
N LYS A 533 -23.40 -11.81 33.98
CA LYS A 533 -23.35 -12.01 32.53
C LYS A 533 -21.94 -11.90 32.00
N ILE A 534 -21.10 -11.10 32.64
CA ILE A 534 -19.74 -10.94 32.19
C ILE A 534 -18.78 -11.85 32.97
N LEU A 535 -19.13 -12.22 34.21
CA LEU A 535 -18.37 -13.29 34.86
C LEU A 535 -18.55 -14.61 34.14
N ASN A 536 -19.73 -14.85 33.57
CA ASN A 536 -19.90 -16.03 32.74
C ASN A 536 -19.14 -15.89 31.43
N TYR A 537 -18.95 -14.65 30.97
CA TYR A 537 -18.16 -14.41 29.77
C TYR A 537 -16.68 -14.66 30.03
N LEU A 538 -16.15 -14.15 31.15
CA LEU A 538 -14.72 -14.24 31.39
C LEU A 538 -14.28 -15.63 31.82
N LYS A 539 -15.20 -16.49 32.25
CA LYS A 539 -14.82 -17.87 32.57
C LYS A 539 -14.52 -18.68 31.32
N ARG A 540 -14.98 -18.23 30.15
CA ARG A 540 -14.91 -19.02 28.94
C ARG A 540 -13.85 -18.53 27.98
N THR A 541 -13.89 -17.26 27.59
CA THR A 541 -13.00 -16.76 26.54
C THR A 541 -11.61 -16.48 27.09
N ARG A 542 -10.62 -17.10 26.48
CA ARG A 542 -9.22 -16.87 26.81
C ARG A 542 -8.62 -15.85 25.85
N PHE A 543 -7.74 -15.01 26.38
CA PHE A 543 -7.12 -13.93 25.62
C PHE A 543 -5.74 -14.36 25.13
N GLU A 544 -5.65 -14.69 23.84
CA GLU A 544 -4.37 -14.77 23.16
C GLU A 544 -4.47 -13.86 21.93
N PHE A 545 -3.42 -13.07 21.56
CA PHE A 545 -1.97 -12.87 21.92
C PHE A 545 -1.12 -14.00 21.39
N VAL A 546 -1.57 -14.65 20.33
CA VAL A 546 -0.75 -15.53 19.50
C VAL A 546 -1.08 -15.19 18.06
N ASN A 547 -0.06 -15.08 17.20
CA ASN A 547 -0.29 -14.67 15.82
C ASN A 547 -1.04 -15.74 15.04
N LYS A 548 -0.74 -17.01 15.31
CA LYS A 548 -1.33 -18.24 14.75
C LYS A 548 -1.00 -18.47 13.28
N ASN A 549 -0.35 -17.50 12.63
CA ASN A 549 0.25 -17.62 11.29
C ASN A 549 -0.78 -17.98 10.23
N ILE A 550 -2.01 -17.52 10.37
CA ILE A 550 -3.08 -17.85 9.44
C ILE A 550 -3.20 -16.69 8.44
N PRO A 551 -2.98 -16.92 7.16
CA PRO A 551 -3.04 -15.82 6.20
C PRO A 551 -4.49 -15.45 5.89
N PHE A 552 -4.68 -14.16 5.62
CA PHE A 552 -5.83 -13.66 4.86
C PHE A 552 -7.13 -13.84 5.64
N VAL A 553 -7.08 -13.60 6.95
CA VAL A 553 -8.31 -13.61 7.74
C VAL A 553 -8.83 -12.17 7.79
N PRO A 554 -10.14 -11.96 7.74
CA PRO A 554 -10.66 -10.60 7.85
C PRO A 554 -10.58 -10.12 9.28
N SER A 555 -10.40 -8.82 9.44
CA SER A 555 -10.52 -8.23 10.75
C SER A 555 -11.97 -8.24 11.17
N PHE A 556 -12.20 -8.16 12.49
CA PHE A 556 -13.58 -8.31 12.95
C PHE A 556 -14.40 -7.04 12.72
N THR A 557 -13.84 -5.88 13.00
CA THR A 557 -14.33 -4.69 12.35
C THR A 557 -13.99 -4.83 10.87
N LYS A 558 -14.92 -4.39 10.00
CA LYS A 558 -15.14 -4.66 8.58
C LYS A 558 -15.85 -5.99 8.40
N LEU A 559 -16.01 -6.79 9.43
CA LEU A 559 -16.81 -7.99 9.38
C LEU A 559 -18.03 -7.90 10.27
N TYR A 560 -17.95 -7.11 11.34
CA TYR A 560 -19.15 -6.76 12.09
C TYR A 560 -20.05 -5.86 11.27
N SER A 561 -19.45 -5.00 10.44
CA SER A 561 -20.22 -4.04 9.66
C SER A 561 -21.01 -4.69 8.55
N ARG A 562 -20.68 -5.92 8.20
CA ARG A 562 -21.38 -6.63 7.15
C ARG A 562 -22.59 -7.40 7.65
N ILE A 563 -22.83 -7.43 8.97
CA ILE A 563 -23.82 -8.35 9.53
C ILE A 563 -25.23 -7.93 9.14
N ASP A 564 -25.57 -6.67 9.37
CA ASP A 564 -26.89 -6.18 9.00
C ASP A 564 -27.10 -6.16 7.49
N ASP A 565 -26.02 -6.08 6.72
CA ASP A 565 -26.12 -6.16 5.27
C ASP A 565 -26.34 -7.58 4.79
N LEU A 566 -25.70 -8.56 5.44
CA LEU A 566 -25.75 -9.95 5.00
C LEU A 566 -26.71 -10.79 5.83
N LYS A 567 -27.53 -10.16 6.66
CA LYS A 567 -28.38 -10.90 7.60
C LYS A 567 -29.47 -11.67 6.87
N ASN A 568 -29.94 -11.15 5.74
CA ASN A 568 -30.98 -11.85 5.00
C ASN A 568 -30.38 -12.84 4.02
N SER A 569 -29.19 -12.53 3.50
CA SER A 569 -28.58 -13.38 2.50
C SER A 569 -28.00 -14.66 3.08
N LEU A 570 -27.74 -14.70 4.38
CA LEU A 570 -27.18 -15.87 5.04
C LEU A 570 -28.05 -16.20 6.23
N GLY A 571 -28.10 -17.46 6.60
CA GLY A 571 -28.93 -17.85 7.72
C GLY A 571 -28.27 -17.52 9.05
N ILE A 572 -28.25 -16.23 9.41
CA ILE A 572 -27.39 -15.77 10.49
C ILE A 572 -28.09 -15.80 11.83
N TYR A 573 -29.30 -15.21 11.91
CA TYR A 573 -30.03 -14.97 13.16
C TYR A 573 -29.18 -14.16 14.13
N TRP A 574 -28.98 -12.90 13.76
CA TRP A 574 -28.35 -11.92 14.61
C TRP A 574 -29.26 -10.71 14.68
N LYS A 575 -29.14 -9.92 15.74
CA LYS A 575 -29.90 -8.68 15.84
C LYS A 575 -28.93 -7.58 16.24
N THR A 576 -28.66 -6.67 15.33
CA THR A 576 -27.86 -5.51 15.63
C THR A 576 -28.64 -4.59 16.58
N PRO A 577 -28.03 -4.10 17.65
CA PRO A 577 -28.79 -3.36 18.67
C PRO A 577 -29.30 -2.02 18.15
N LYS A 578 -30.57 -1.75 18.40
CA LYS A 578 -31.21 -0.51 17.98
C LYS A 578 -31.93 0.09 19.19
N THR A 579 -31.63 1.36 19.47
CA THR A 579 -32.20 2.08 20.59
C THR A 579 -32.48 3.50 20.10
N ASN A 580 -33.44 4.17 20.74
CA ASN A 580 -33.92 5.46 20.25
C ASN A 580 -33.01 6.63 20.65
N ASP A 581 -31.79 6.37 21.14
CA ASP A 581 -30.92 7.43 21.61
C ASP A 581 -29.83 7.80 20.60
N ASP A 582 -29.24 6.79 19.95
CA ASP A 582 -28.24 6.84 18.88
C ASP A 582 -26.86 7.26 19.38
N ASN A 583 -26.76 7.74 20.61
CA ASN A 583 -25.49 7.77 21.32
C ASN A 583 -25.37 6.62 22.30
N LYS A 584 -26.50 6.03 22.67
CA LYS A 584 -26.50 4.77 23.40
C LYS A 584 -26.27 3.59 22.47
N THR A 585 -26.73 3.68 21.21
CA THR A 585 -26.49 2.60 20.26
C THR A 585 -25.02 2.52 19.88
N LYS A 586 -24.35 3.67 19.77
CA LYS A 586 -22.93 3.67 19.43
C LYS A 586 -22.10 3.07 20.56
N GLU A 587 -22.59 3.15 21.80
CA GLU A 587 -21.87 2.62 22.93
C GLU A 587 -22.27 1.20 23.28
N ILE A 588 -23.41 0.73 22.80
CA ILE A 588 -23.74 -0.69 22.91
C ILE A 588 -23.00 -1.48 21.84
N ILE A 589 -22.98 -0.96 20.61
CA ILE A 589 -22.25 -1.58 19.51
C ILE A 589 -20.76 -1.63 19.82
N ASP A 590 -20.24 -0.59 20.48
CA ASP A 590 -18.85 -0.59 20.91
C ASP A 590 -18.60 -1.64 21.98
N ALA A 591 -19.62 -2.01 22.74
CA ALA A 591 -19.53 -3.16 23.63
C ALA A 591 -19.89 -4.45 22.94
N GLN A 592 -20.75 -4.39 21.92
CA GLN A 592 -21.10 -5.58 21.16
C GLN A 592 -19.92 -6.06 20.34
N ILE A 593 -19.13 -5.12 19.80
CA ILE A 593 -17.97 -5.47 19.00
C ILE A 593 -16.89 -6.10 19.86
N TYR A 594 -16.56 -5.46 20.99
CA TYR A 594 -15.40 -5.87 21.77
C TYR A 594 -15.61 -7.23 22.41
N LEU A 595 -16.84 -7.55 22.81
CA LEU A 595 -17.07 -8.85 23.44
C LEU A 595 -17.01 -9.96 22.41
N LEU A 596 -17.50 -9.71 21.20
CA LEU A 596 -17.40 -10.71 20.15
C LEU A 596 -16.03 -10.77 19.52
N LYS A 597 -15.22 -9.72 19.69
CA LYS A 597 -13.91 -9.68 19.05
C LYS A 597 -12.96 -10.66 19.71
N ASN A 598 -12.99 -10.75 21.04
CA ASN A 598 -12.14 -11.68 21.76
C ASN A 598 -12.60 -13.12 21.59
N ILE A 599 -13.87 -13.34 21.26
CA ILE A 599 -14.31 -14.66 20.83
C ILE A 599 -13.72 -14.97 19.47
N TYR A 600 -13.67 -13.97 18.59
CA TYR A 600 -13.30 -14.18 17.20
C TYR A 600 -11.84 -14.54 17.06
N TYR A 601 -10.97 -13.83 17.77
CA TYR A 601 -9.55 -14.15 17.66
C TYR A 601 -9.12 -15.21 18.66
N GLY A 602 -9.74 -15.26 19.82
CA GLY A 602 -9.31 -16.22 20.81
C GLY A 602 -9.83 -17.62 20.57
N GLU A 603 -11.12 -17.85 20.74
CA GLU A 603 -11.63 -19.21 20.67
C GLU A 603 -11.96 -19.63 19.26
N PHE A 604 -12.36 -18.69 18.41
CA PHE A 604 -12.92 -19.06 17.11
C PHE A 604 -11.84 -19.54 16.16
N LEU A 605 -10.77 -18.76 15.99
CA LEU A 605 -9.77 -19.10 14.99
C LEU A 605 -8.92 -20.30 15.38
N ASN A 606 -8.95 -20.76 16.62
CA ASN A 606 -8.36 -22.06 16.91
C ASN A 606 -9.32 -23.19 16.57
N TYR A 607 -10.62 -22.97 16.72
CA TYR A 607 -11.60 -23.97 16.32
C TYR A 607 -11.78 -24.02 14.81
N PHE A 608 -11.87 -22.85 14.18
CA PHE A 608 -12.24 -22.75 12.78
C PHE A 608 -11.09 -23.12 11.85
N MET A 609 -9.87 -23.23 12.38
CA MET A 609 -8.72 -23.61 11.59
C MET A 609 -8.13 -24.96 11.95
N SER A 610 -8.63 -25.60 12.99
CA SER A 610 -8.23 -26.97 13.24
C SER A 610 -8.86 -27.87 12.18
N ASN A 611 -8.21 -29.03 11.98
CA ASN A 611 -8.73 -30.00 11.00
C ASN A 611 -10.03 -30.62 11.46
N ASN A 612 -10.26 -30.66 12.78
CA ASN A 612 -11.59 -30.86 13.30
C ASN A 612 -12.27 -29.49 13.42
N GLY A 613 -13.45 -29.37 12.84
CA GLY A 613 -14.15 -28.11 12.80
C GLY A 613 -14.81 -27.87 11.45
N ASN A 614 -15.72 -26.89 11.45
CA ASN A 614 -16.58 -26.63 10.31
C ASN A 614 -16.03 -25.48 9.47
N PHE A 615 -15.02 -25.76 8.66
CA PHE A 615 -14.59 -24.78 7.68
C PHE A 615 -15.21 -25.06 6.32
N PHE A 616 -15.07 -26.30 5.85
CA PHE A 616 -15.62 -26.67 4.55
C PHE A 616 -17.11 -26.91 4.60
N GLU A 617 -17.67 -27.12 5.80
CA GLU A 617 -19.12 -27.17 5.92
C GLU A 617 -19.74 -25.83 5.63
N ILE A 618 -19.03 -24.74 5.96
CA ILE A 618 -19.50 -23.40 5.67
C ILE A 618 -19.07 -22.96 4.27
N SER A 619 -17.86 -23.34 3.85
CA SER A 619 -17.36 -22.96 2.54
C SER A 619 -18.16 -23.59 1.42
N LYS A 620 -18.61 -24.82 1.59
CA LYS A 620 -19.49 -25.42 0.60
C LYS A 620 -20.92 -24.93 0.76
N GLU A 621 -21.27 -24.38 1.92
CA GLU A 621 -22.63 -23.86 2.12
C GLU A 621 -22.85 -22.55 1.39
N ILE A 622 -21.87 -21.65 1.46
CA ILE A 622 -22.03 -20.31 0.89
C ILE A 622 -22.00 -20.36 -0.63
N ILE A 623 -21.23 -21.29 -1.20
CA ILE A 623 -21.29 -21.51 -2.63
C ILE A 623 -22.65 -22.07 -3.03
N GLU A 624 -23.24 -22.90 -2.17
CA GLU A 624 -24.61 -23.34 -2.44
C GLU A 624 -25.64 -22.25 -2.14
N LEU A 625 -25.37 -21.35 -1.20
CA LEU A 625 -26.32 -20.27 -0.95
C LEU A 625 -26.30 -19.24 -2.06
N ASN A 626 -25.22 -19.17 -2.83
CA ASN A 626 -25.23 -18.29 -3.99
C ASN A 626 -25.79 -18.99 -5.21
N LYS A 627 -25.56 -20.30 -5.32
CA LYS A 627 -26.08 -21.06 -6.46
C LYS A 627 -27.58 -21.24 -6.35
N ASN A 628 -28.08 -21.60 -5.17
CA ASN A 628 -29.50 -21.85 -4.97
C ASN A 628 -30.26 -20.60 -4.59
N ASP A 629 -29.66 -19.43 -4.77
CA ASP A 629 -30.36 -18.19 -4.51
C ASP A 629 -31.34 -17.91 -5.65
N LYS A 630 -32.31 -17.05 -5.38
CA LYS A 630 -33.14 -16.53 -6.44
C LYS A 630 -32.31 -15.66 -7.37
N ARG A 631 -32.80 -15.49 -8.61
CA ARG A 631 -32.19 -14.76 -9.73
C ARG A 631 -30.77 -15.20 -10.11
N ASN A 632 -30.29 -16.29 -9.51
CA ASN A 632 -29.17 -17.03 -10.08
C ASN A 632 -29.64 -18.40 -10.52
N LEU A 633 -30.80 -18.81 -10.05
CA LEU A 633 -31.44 -20.00 -10.61
C LEU A 633 -32.15 -19.67 -11.91
N LYS A 634 -32.42 -18.38 -12.14
CA LYS A 634 -32.92 -17.95 -13.44
C LYS A 634 -31.83 -18.10 -14.50
N THR A 635 -30.69 -17.43 -14.29
CA THR A 635 -29.52 -17.58 -15.15
C THR A 635 -28.36 -18.04 -14.28
N GLY A 636 -27.78 -19.18 -14.62
CA GLY A 636 -26.72 -19.74 -13.79
C GLY A 636 -25.40 -19.00 -13.88
N PHE A 637 -25.39 -17.77 -13.38
CA PHE A 637 -24.24 -16.88 -13.48
C PHE A 637 -23.72 -16.46 -12.11
N TYR A 638 -23.79 -17.33 -11.12
CA TYR A 638 -23.39 -16.95 -9.77
C TYR A 638 -21.88 -16.83 -9.67
N LYS A 639 -21.42 -15.80 -8.95
CA LYS A 639 -20.01 -15.43 -8.98
C LYS A 639 -19.11 -16.41 -8.24
N LEU A 640 -19.66 -17.24 -7.37
CA LEU A 640 -18.83 -18.16 -6.61
C LEU A 640 -18.64 -19.49 -7.33
N GLN A 641 -18.84 -19.52 -8.64
CA GLN A 641 -18.62 -20.75 -9.39
C GLN A 641 -17.14 -21.08 -9.49
N LYS A 642 -16.29 -20.08 -9.49
CA LYS A 642 -14.85 -20.26 -9.58
C LYS A 642 -14.19 -20.71 -8.28
N PHE A 643 -14.97 -21.13 -7.29
CA PHE A 643 -14.44 -21.67 -6.05
C PHE A 643 -14.82 -23.12 -5.84
N GLU A 644 -15.69 -23.67 -6.69
CA GLU A 644 -16.27 -24.98 -6.40
C GLU A 644 -15.29 -26.09 -6.72
N ASP A 645 -14.28 -25.80 -7.55
CA ASP A 645 -13.30 -26.81 -7.91
C ASP A 645 -12.15 -26.88 -6.91
N ILE A 646 -12.19 -26.05 -5.86
CA ILE A 646 -11.11 -26.03 -4.90
C ILE A 646 -11.47 -26.87 -3.68
N GLN A 647 -10.58 -27.80 -3.30
CA GLN A 647 -10.84 -28.55 -2.07
C GLN A 647 -9.75 -28.36 -1.00
N GLU A 648 -8.49 -28.62 -1.31
CA GLU A 648 -7.27 -28.30 -0.57
C GLU A 648 -7.13 -29.04 0.77
N LYS A 649 -8.16 -29.73 1.26
CA LYS A 649 -8.15 -30.69 2.36
C LYS A 649 -7.80 -30.12 3.74
N ILE A 650 -7.40 -28.86 3.84
CA ILE A 650 -6.94 -28.23 5.08
C ILE A 650 -7.52 -26.82 5.09
N PRO A 651 -8.11 -26.36 6.19
CA PRO A 651 -8.63 -24.99 6.22
C PRO A 651 -7.54 -23.93 6.17
N LYS A 652 -6.35 -24.23 6.68
CA LYS A 652 -5.27 -23.27 6.60
C LYS A 652 -4.69 -23.20 5.19
N GLU A 653 -4.60 -24.33 4.50
CA GLU A 653 -4.11 -24.33 3.13
C GLU A 653 -5.16 -23.84 2.14
N TYR A 654 -6.43 -23.86 2.53
CA TYR A 654 -7.48 -23.35 1.67
C TYR A 654 -7.37 -21.84 1.55
N LEU A 655 -7.00 -21.16 2.64
CA LEU A 655 -6.86 -19.71 2.60
C LEU A 655 -5.65 -19.31 1.78
N ALA A 656 -4.56 -20.08 1.88
CA ALA A 656 -3.38 -19.81 1.08
C ALA A 656 -3.61 -20.04 -0.41
N ASN A 657 -4.64 -20.79 -0.77
CA ASN A 657 -5.03 -20.91 -2.17
C ASN A 657 -5.94 -19.76 -2.57
N ILE A 658 -6.82 -19.30 -1.69
CA ILE A 658 -7.67 -18.16 -2.00
C ILE A 658 -6.84 -16.89 -2.01
N GLN A 659 -5.91 -16.75 -1.07
CA GLN A 659 -5.03 -15.59 -1.04
C GLN A 659 -4.02 -15.62 -2.18
N SER A 660 -3.75 -16.80 -2.74
CA SER A 660 -2.98 -16.83 -3.98
C SER A 660 -3.83 -16.43 -5.17
N LEU A 661 -5.10 -16.85 -5.21
CA LEU A 661 -5.97 -16.40 -6.29
C LEU A 661 -6.29 -14.93 -6.19
N TYR A 662 -6.28 -14.37 -4.99
CA TYR A 662 -6.56 -12.95 -4.85
C TYR A 662 -5.40 -12.12 -5.37
N MET A 663 -4.17 -12.52 -5.08
CA MET A 663 -3.02 -11.72 -5.46
C MET A 663 -2.77 -11.76 -6.96
N ILE A 664 -3.26 -12.79 -7.66
CA ILE A 664 -3.07 -12.82 -9.09
C ILE A 664 -4.18 -12.13 -9.86
N ASN A 665 -5.36 -11.96 -9.27
CA ASN A 665 -6.45 -11.27 -9.94
C ASN A 665 -6.72 -9.90 -9.37
N ALA A 666 -5.75 -9.30 -8.70
CA ALA A 666 -5.89 -7.91 -8.32
C ALA A 666 -5.70 -7.02 -9.54
N GLY A 667 -6.37 -5.88 -9.53
CA GLY A 667 -6.19 -4.90 -10.58
C GLY A 667 -6.96 -5.14 -11.86
N ASN A 668 -7.81 -6.17 -11.91
CA ASN A 668 -8.62 -6.38 -13.10
C ASN A 668 -9.91 -5.57 -13.06
N GLN A 669 -10.56 -5.53 -11.91
CA GLN A 669 -11.87 -4.89 -11.81
C GLN A 669 -11.73 -3.39 -11.66
N ASP A 670 -12.61 -2.65 -12.35
CA ASP A 670 -12.58 -1.20 -12.39
C ASP A 670 -13.79 -0.64 -11.67
N GLU A 671 -13.56 0.53 -11.03
CA GLU A 671 -14.29 1.29 -9.99
C GLU A 671 -14.16 1.00 -8.46
N GLU A 672 -13.39 0.05 -7.91
CA GLU A 672 -12.80 -1.17 -8.47
C GLU A 672 -13.83 -2.27 -8.47
N GLU A 673 -14.24 -2.70 -7.27
CA GLU A 673 -15.51 -3.27 -6.82
C GLU A 673 -15.33 -3.68 -5.37
N LYS A 674 -16.40 -4.18 -4.75
CA LYS A 674 -16.19 -5.13 -3.66
C LYS A 674 -15.65 -6.40 -4.29
N ASP A 675 -14.35 -6.65 -4.10
CA ASP A 675 -13.68 -7.70 -4.87
C ASP A 675 -14.12 -9.06 -4.39
N THR A 676 -14.20 -10.01 -5.33
CA THR A 676 -14.84 -11.29 -5.08
C THR A 676 -14.05 -12.14 -4.11
N TYR A 677 -12.72 -12.09 -4.18
CA TYR A 677 -11.87 -12.95 -3.37
C TYR A 677 -11.88 -12.52 -1.91
N ILE A 678 -12.15 -11.24 -1.66
CA ILE A 678 -12.30 -10.79 -0.28
C ILE A 678 -13.75 -10.89 0.16
N ASP A 679 -14.69 -10.67 -0.77
CA ASP A 679 -16.11 -10.77 -0.42
C ASP A 679 -16.48 -12.21 -0.12
N PHE A 680 -15.93 -13.17 -0.87
CA PHE A 680 -16.16 -14.57 -0.55
C PHE A 680 -15.48 -14.97 0.74
N ILE A 681 -14.33 -14.38 1.05
CA ILE A 681 -13.65 -14.80 2.26
C ILE A 681 -14.23 -14.09 3.47
N GLN A 682 -14.95 -13.00 3.29
CA GLN A 682 -15.65 -12.40 4.42
C GLN A 682 -16.98 -13.07 4.68
N LYS A 683 -17.49 -13.85 3.74
CA LYS A 683 -18.71 -14.60 4.04
C LYS A 683 -18.42 -15.83 4.87
N ILE A 684 -17.28 -16.48 4.64
CA ILE A 684 -16.95 -17.71 5.37
C ILE A 684 -16.69 -17.40 6.84
N PHE A 685 -15.92 -16.36 7.11
CA PHE A 685 -15.63 -15.98 8.48
C PHE A 685 -16.76 -15.24 9.15
N LEU A 686 -17.87 -15.00 8.48
CA LEU A 686 -19.03 -14.40 9.11
C LEU A 686 -20.18 -15.37 9.23
N LYS A 687 -20.37 -16.25 8.26
CA LYS A 687 -21.31 -17.35 8.44
C LYS A 687 -20.75 -18.36 9.41
N GLY A 688 -19.44 -18.62 9.35
CA GLY A 688 -18.84 -19.58 10.25
C GLY A 688 -18.71 -19.06 11.66
N PHE A 689 -18.60 -17.75 11.83
CA PHE A 689 -18.53 -17.20 13.18
C PHE A 689 -19.90 -17.18 13.84
N MET A 690 -20.93 -16.79 13.10
CA MET A 690 -22.28 -16.83 13.64
C MET A 690 -22.83 -18.24 13.76
N THR A 691 -22.21 -19.22 13.11
CA THR A 691 -22.54 -20.61 13.38
C THR A 691 -21.78 -21.10 14.61
N TYR A 692 -20.53 -20.68 14.76
CA TYR A 692 -19.79 -20.97 15.99
C TYR A 692 -20.36 -20.21 17.17
N LEU A 693 -21.06 -19.12 16.92
CA LEU A 693 -21.57 -18.38 18.06
C LEU A 693 -22.90 -18.96 18.52
N ALA A 694 -23.63 -19.62 17.61
CA ALA A 694 -24.88 -20.27 18.01
C ALA A 694 -24.60 -21.61 18.69
N ASN A 695 -23.97 -22.53 17.98
CA ASN A 695 -23.55 -23.81 18.53
C ASN A 695 -22.43 -23.54 19.53
N ASN A 696 -22.56 -24.13 20.73
CA ASN A 696 -21.67 -23.98 21.92
C ASN A 696 -21.05 -22.58 22.09
N GLY A 697 -21.91 -21.55 22.19
CA GLY A 697 -23.28 -21.65 22.68
C GLY A 697 -23.68 -20.36 23.33
N ARG A 698 -22.71 -19.45 23.45
CA ARG A 698 -23.01 -18.13 23.96
C ARG A 698 -23.79 -17.31 22.93
N LEU A 699 -25.03 -16.98 23.25
CA LEU A 699 -25.86 -16.22 22.34
C LEU A 699 -26.59 -15.10 23.07
N SER A 700 -26.34 -14.93 24.37
CA SER A 700 -26.86 -13.81 25.13
C SER A 700 -26.16 -12.50 24.83
N LEU A 701 -25.18 -12.50 23.92
CA LEU A 701 -24.52 -11.28 23.50
C LEU A 701 -25.42 -10.43 22.62
N ILE A 702 -26.49 -11.00 22.06
CA ILE A 702 -27.45 -10.20 21.30
C ILE A 702 -28.17 -9.23 22.22
N TYR A 703 -28.83 -9.77 23.24
CA TYR A 703 -29.67 -8.97 24.14
C TYR A 703 -28.77 -8.43 25.26
N ILE A 704 -27.99 -7.42 24.91
CA ILE A 704 -26.96 -6.95 25.83
C ILE A 704 -27.52 -5.94 26.86
N GLY A 705 -28.09 -4.78 26.48
CA GLY A 705 -28.62 -4.29 25.22
C GLY A 705 -30.11 -4.09 25.18
N SER A 706 -30.84 -4.71 26.12
CA SER A 706 -32.29 -4.75 25.99
C SER A 706 -33.02 -4.25 27.24
N ASP A 707 -32.58 -4.68 28.42
CA ASP A 707 -33.32 -4.41 29.65
C ASP A 707 -32.98 -3.00 30.12
N GLU A 708 -33.90 -2.06 29.87
CA GLU A 708 -33.67 -0.67 30.26
C GLU A 708 -33.75 -0.49 31.77
N GLU A 709 -34.49 -1.37 32.45
CA GLU A 709 -34.50 -1.34 33.91
C GLU A 709 -33.19 -1.84 34.50
N THR A 710 -32.43 -2.63 33.75
CA THR A 710 -31.11 -3.05 34.21
C THR A 710 -30.08 -1.95 34.02
N ASN A 711 -30.14 -1.22 32.89
CA ASN A 711 -29.18 -0.17 32.58
C ASN A 711 -29.27 1.01 33.54
N THR A 712 -30.41 1.18 34.22
CA THR A 712 -30.47 2.16 35.30
C THR A 712 -29.65 1.72 36.49
N SER A 713 -29.60 0.41 36.76
CA SER A 713 -28.82 -0.08 37.89
C SER A 713 -27.33 -0.10 37.60
N LEU A 714 -26.96 -0.15 36.33
CA LEU A 714 -25.55 -0.17 35.93
C LEU A 714 -25.11 1.15 35.33
N ALA A 715 -25.85 2.24 35.56
CA ALA A 715 -25.57 3.49 34.86
C ALA A 715 -24.30 4.15 35.38
N GLU A 716 -24.09 4.13 36.69
CA GLU A 716 -22.92 4.75 37.28
C GLU A 716 -21.77 3.76 37.46
N LYS A 717 -21.90 2.54 36.92
CA LYS A 717 -20.87 1.54 37.14
C LYS A 717 -19.63 1.84 36.29
N LYS A 718 -19.82 2.40 35.10
CA LYS A 718 -18.68 2.80 34.28
C LYS A 718 -17.96 3.99 34.88
N GLN A 719 -18.68 4.85 35.60
CA GLN A 719 -18.05 6.03 36.19
C GLN A 719 -17.27 5.70 37.44
N GLU A 720 -17.70 4.68 38.19
CA GLU A 720 -16.97 4.30 39.40
C GLU A 720 -15.65 3.63 39.06
N PHE A 721 -15.63 2.83 38.00
CA PHE A 721 -14.43 2.12 37.63
C PHE A 721 -13.43 3.03 36.94
N ASP A 722 -13.92 4.00 36.18
CA ASP A 722 -13.03 4.94 35.50
C ASP A 722 -12.37 5.88 36.50
N LYS A 723 -13.06 6.16 37.61
CA LYS A 723 -12.44 6.95 38.68
C LYS A 723 -11.33 6.17 39.36
N PHE A 724 -11.46 4.85 39.41
CA PHE A 724 -10.38 4.02 39.94
C PHE A 724 -9.16 4.02 39.02
N LEU A 725 -9.39 3.92 37.72
CA LEU A 725 -8.29 3.77 36.79
C LEU A 725 -7.47 5.04 36.65
N LYS A 726 -8.09 6.21 36.88
CA LYS A 726 -7.32 7.44 36.91
C LYS A 726 -6.47 7.52 38.18
N LYS A 727 -6.90 6.87 39.25
CA LYS A 727 -6.05 6.72 40.42
C LYS A 727 -5.00 5.62 40.23
N TYR A 728 -5.13 4.82 39.19
CA TYR A 728 -4.14 3.77 38.93
C TYR A 728 -2.98 4.28 38.08
N GLU A 729 -3.24 5.23 37.20
CA GLU A 729 -2.15 5.79 36.40
C GLU A 729 -1.30 6.76 37.20
N GLN A 730 -1.87 7.36 38.26
CA GLN A 730 -1.06 8.22 39.11
C GLN A 730 -0.08 7.41 39.94
N ASN A 731 -0.53 6.27 40.45
CA ASN A 731 0.33 5.32 41.13
C ASN A 731 -0.27 3.95 40.94
N ASN A 732 0.55 2.98 40.54
CA ASN A 732 0.04 1.65 40.24
C ASN A 732 -0.33 0.90 41.50
N ASN A 733 0.64 0.63 42.36
CA ASN A 733 0.41 -0.24 43.51
C ASN A 733 -0.19 0.56 44.66
N ILE A 734 -1.50 0.83 44.53
CA ILE A 734 -2.24 1.44 45.62
C ILE A 734 -3.01 0.35 46.37
N LYS A 735 -4.01 -0.21 45.70
CA LYS A 735 -4.95 -1.19 46.23
C LYS A 735 -5.88 -1.53 45.07
N ILE A 736 -6.36 -2.77 45.05
CA ILE A 736 -7.38 -3.19 44.11
C ILE A 736 -8.64 -3.45 44.91
N PRO A 737 -9.73 -2.71 44.66
CA PRO A 737 -10.98 -2.95 45.40
C PRO A 737 -11.60 -4.29 45.07
N TYR A 738 -12.57 -4.66 45.90
CA TYR A 738 -13.16 -5.99 45.78
C TYR A 738 -13.99 -6.14 44.52
N GLU A 739 -14.70 -5.08 44.12
CA GLU A 739 -15.47 -5.15 42.88
C GLU A 739 -14.58 -5.19 41.66
N ILE A 740 -13.39 -4.59 41.74
CA ILE A 740 -12.43 -4.71 40.65
C ILE A 740 -11.87 -6.12 40.58
N ASN A 741 -11.46 -6.65 41.74
CA ASN A 741 -10.72 -7.89 41.81
C ASN A 741 -11.57 -9.11 41.51
N GLU A 742 -12.90 -8.98 41.55
CA GLU A 742 -13.74 -10.09 41.12
C GLU A 742 -13.69 -10.30 39.62
N PHE A 743 -13.39 -9.25 38.85
CA PHE A 743 -13.16 -9.45 37.43
C PHE A 743 -11.75 -9.91 37.17
N LEU A 744 -10.77 -9.32 37.88
CA LEU A 744 -9.37 -9.65 37.65
C LEU A 744 -9.02 -11.07 38.08
N ARG A 745 -9.77 -11.63 39.02
CA ARG A 745 -9.53 -13.01 39.41
C ARG A 745 -9.94 -13.99 38.31
N GLU A 746 -10.81 -13.56 37.39
CA GLU A 746 -11.36 -14.47 36.41
C GLU A 746 -10.84 -14.25 35.00
N ILE A 747 -10.23 -13.09 34.73
CA ILE A 747 -9.60 -12.86 33.42
C ILE A 747 -8.42 -13.80 33.26
N LYS A 748 -8.46 -14.63 32.24
CA LYS A 748 -7.39 -15.59 31.98
C LYS A 748 -6.62 -15.16 30.74
N LEU A 749 -5.31 -15.41 30.76
CA LEU A 749 -4.43 -15.02 29.67
C LEU A 749 -3.89 -16.27 28.99
N GLY A 750 -3.55 -16.13 27.71
CA GLY A 750 -3.03 -17.28 26.98
C GLY A 750 -1.57 -17.57 27.28
N ASN A 751 -0.69 -16.65 26.92
CA ASN A 751 0.74 -16.90 26.97
C ASN A 751 1.48 -15.62 27.33
N ILE A 752 2.57 -15.76 28.07
CA ILE A 752 3.42 -14.66 28.51
C ILE A 752 4.78 -14.85 27.85
N LEU A 753 5.43 -13.75 27.48
CA LEU A 753 6.63 -13.81 26.66
C LEU A 753 7.85 -14.29 27.44
N LYS A 754 7.79 -14.21 28.76
CA LYS A 754 8.80 -14.65 29.73
C LYS A 754 10.11 -13.89 29.61
N TYR A 755 10.15 -12.73 28.94
CA TYR A 755 11.29 -11.80 28.95
C TYR A 755 12.60 -12.43 28.45
N THR A 756 12.69 -12.63 27.14
CA THR A 756 14.02 -12.71 26.58
C THR A 756 14.55 -11.30 26.38
N GLU A 757 15.87 -11.19 26.23
CA GLU A 757 16.51 -9.88 26.27
C GLU A 757 16.32 -9.11 24.97
N ARG A 758 16.15 -9.84 23.86
CA ARG A 758 16.08 -9.16 22.57
C ARG A 758 14.68 -8.62 22.30
N LEU A 759 13.68 -9.09 23.03
CA LEU A 759 12.36 -8.49 22.92
C LEU A 759 12.29 -7.17 23.67
N ASN A 760 13.19 -6.97 24.63
CA ASN A 760 13.21 -5.73 25.38
C ASN A 760 13.57 -4.56 24.48
N MET A 761 14.45 -4.78 23.52
CA MET A 761 14.81 -3.71 22.60
C MET A 761 13.78 -3.57 21.49
N PHE A 762 13.06 -4.64 21.19
CA PHE A 762 12.04 -4.57 20.15
C PHE A 762 10.79 -3.90 20.68
N TYR A 763 10.64 -3.87 22.00
CA TYR A 763 9.51 -3.17 22.60
C TYR A 763 9.70 -1.66 22.57
N LEU A 764 10.94 -1.21 22.72
CA LEU A 764 11.22 0.22 22.71
C LEU A 764 11.07 0.82 21.32
N ILE A 765 11.20 0.00 20.27
CA ILE A 765 10.94 0.50 18.93
C ILE A 765 9.44 0.65 18.70
N LEU A 766 8.66 -0.32 19.18
CA LEU A 766 7.24 -0.34 18.87
C LEU A 766 6.43 0.70 19.61
N LYS A 767 6.93 1.21 20.72
CA LYS A 767 6.22 2.30 21.36
C LYS A 767 6.47 3.62 20.64
N LEU A 768 7.51 3.69 19.82
CA LEU A 768 7.78 4.85 18.97
C LEU A 768 7.15 4.71 17.60
N LEU A 769 5.89 4.34 17.54
CA LEU A 769 5.27 4.06 16.25
C LEU A 769 3.78 4.36 16.33
N ASN A 770 3.25 5.00 15.29
CA ASN A 770 1.82 5.17 15.18
C ASN A 770 1.17 3.89 14.72
N HIS A 771 -0.17 3.90 14.68
CA HIS A 771 -0.91 2.68 14.40
C HIS A 771 -0.80 2.25 12.94
N LYS A 772 -0.55 3.19 12.04
CA LYS A 772 -0.48 2.83 10.63
C LYS A 772 0.82 2.11 10.31
N GLU A 773 1.93 2.57 10.88
CA GLU A 773 3.19 1.89 10.65
C GLU A 773 3.29 0.61 11.45
N LEU A 774 2.60 0.54 12.59
CA LEU A 774 2.68 -0.65 13.42
C LEU A 774 1.96 -1.83 12.79
N THR A 775 0.89 -1.59 12.03
CA THR A 775 0.27 -2.69 11.29
C THR A 775 1.01 -2.99 10.00
N ASN A 776 1.68 -2.01 9.41
CA ASN A 776 2.60 -2.31 8.31
C ASN A 776 3.78 -3.12 8.78
N LEU A 777 4.24 -2.88 10.01
CA LEU A 777 5.29 -3.72 10.58
C LEU A 777 4.72 -5.06 11.00
N LYS A 778 3.46 -5.11 11.41
CA LYS A 778 2.82 -6.39 11.68
C LYS A 778 2.61 -7.17 10.40
N GLY A 779 2.28 -6.48 9.31
CA GLY A 779 2.02 -7.18 8.06
C GLY A 779 3.29 -7.68 7.40
N SER A 780 4.36 -6.88 7.45
CA SER A 780 5.60 -7.26 6.78
C SER A 780 6.29 -8.42 7.49
N LEU A 781 6.11 -8.55 8.80
CA LEU A 781 6.68 -9.70 9.48
C LEU A 781 5.87 -10.95 9.20
N GLU A 782 4.57 -10.82 8.96
CA GLU A 782 3.78 -11.98 8.58
C GLU A 782 4.07 -12.39 7.14
N LYS A 783 4.24 -11.42 6.25
CA LYS A 783 4.54 -11.74 4.86
C LYS A 783 5.95 -12.29 4.70
N TYR A 784 6.86 -12.02 5.64
CA TYR A 784 8.15 -12.69 5.60
C TYR A 784 8.01 -14.15 5.96
N GLN A 785 7.10 -14.46 6.89
CA GLN A 785 6.94 -15.84 7.32
C GLN A 785 6.27 -16.68 6.26
N SER A 786 5.25 -16.14 5.60
CA SER A 786 4.53 -16.90 4.59
C SER A 786 5.31 -17.02 3.29
N ALA A 787 6.24 -16.11 3.02
CA ALA A 787 7.04 -16.22 1.81
C ALA A 787 8.15 -17.24 1.98
N ASN A 788 8.84 -17.20 3.11
CA ASN A 788 9.94 -18.11 3.36
C ASN A 788 9.51 -19.41 4.00
N LYS A 789 8.21 -19.57 4.26
CA LYS A 789 7.59 -20.80 4.75
C LYS A 789 8.18 -21.26 6.09
N GLU A 790 8.66 -20.31 6.89
CA GLU A 790 9.15 -20.61 8.22
C GLU A 790 8.59 -19.59 9.19
N GLU A 791 8.49 -19.98 10.45
CA GLU A 791 8.13 -19.05 11.51
C GLU A 791 9.44 -18.55 12.13
N ALA A 792 9.63 -17.24 12.10
CA ALA A 792 10.84 -16.63 12.61
C ALA A 792 10.57 -15.45 13.51
N PHE A 793 9.42 -14.80 13.38
CA PHE A 793 9.07 -13.68 14.23
C PHE A 793 7.87 -14.01 15.10
N SER A 794 7.63 -15.30 15.38
CA SER A 794 6.50 -15.70 16.21
C SER A 794 6.64 -15.18 17.64
N ASP A 795 7.85 -14.90 18.08
CA ASP A 795 8.04 -14.22 19.34
C ASP A 795 7.91 -12.71 19.20
N GLN A 796 8.04 -12.18 17.97
CA GLN A 796 7.94 -10.75 17.72
C GLN A 796 6.50 -10.31 17.50
N LEU A 797 5.75 -11.05 16.69
CA LEU A 797 4.34 -10.76 16.47
C LEU A 797 3.50 -10.95 17.72
N GLU A 798 3.95 -11.82 18.63
CA GLU A 798 3.27 -12.00 19.90
C GLU A 798 3.42 -10.77 20.79
N LEU A 799 4.46 -9.97 20.58
CA LEU A 799 4.65 -8.74 21.32
C LEU A 799 3.98 -7.55 20.65
N ILE A 800 3.68 -7.63 19.36
CA ILE A 800 2.86 -6.59 18.73
C ILE A 800 1.43 -6.66 19.25
N ASN A 801 0.92 -7.88 19.45
CA ASN A 801 -0.43 -8.04 19.97
C ASN A 801 -0.55 -7.65 21.43
N LEU A 802 0.55 -7.62 22.17
CA LEU A 802 0.52 -7.04 23.50
C LEU A 802 0.61 -5.52 23.50
N LEU A 803 0.65 -4.91 22.32
CA LEU A 803 0.38 -3.49 22.18
C LEU A 803 -1.00 -3.24 21.59
N ASN A 804 -1.73 -4.29 21.27
CA ASN A 804 -3.07 -4.14 20.73
C ASN A 804 -4.10 -3.95 21.83
N LEU A 805 -3.75 -4.21 23.07
CA LEU A 805 -4.57 -3.86 24.22
C LEU A 805 -4.13 -2.56 24.88
N ASP A 806 -3.28 -1.79 24.21
CA ASP A 806 -2.77 -0.56 24.76
C ASP A 806 -3.44 0.68 24.19
N ASN A 807 -4.02 0.59 22.99
CA ASN A 807 -4.72 1.72 22.40
C ASN A 807 -6.03 2.00 23.14
N ASN A 808 -6.12 3.18 23.76
CA ASN A 808 -7.12 3.44 24.78
C ASN A 808 -8.31 4.22 24.29
N ARG A 809 -8.15 4.99 23.20
CA ARG A 809 -9.06 5.87 22.48
C ARG A 809 -9.66 7.00 23.34
N VAL A 810 -9.32 7.10 24.63
CA VAL A 810 -9.55 8.29 25.42
C VAL A 810 -8.16 8.71 25.88
N THR A 811 -7.54 9.61 25.12
CA THR A 811 -6.10 9.72 25.06
C THR A 811 -5.64 11.08 25.57
N GLU A 812 -4.57 11.11 26.38
CA GLU A 812 -4.04 10.02 27.22
C GLU A 812 -3.76 10.63 28.59
N ASP A 813 -4.62 11.57 29.00
CA ASP A 813 -4.43 12.48 30.14
C ASP A 813 -3.15 13.28 29.96
N PHE A 814 -3.02 13.95 28.81
CA PHE A 814 -1.92 14.88 28.58
C PHE A 814 -2.40 16.31 28.87
N GLU A 815 -1.44 17.24 29.00
CA GLU A 815 -1.67 18.35 29.93
C GLU A 815 -2.53 19.47 29.35
N LEU A 816 -2.40 19.76 28.04
CA LEU A 816 -3.07 20.89 27.37
C LEU A 816 -2.78 22.24 28.04
N GLU A 817 -1.56 22.70 27.88
CA GLU A 817 -1.25 24.12 28.11
C GLU A 817 -2.23 24.98 27.32
N ALA A 818 -2.98 25.83 28.03
CA ALA A 818 -4.13 26.51 27.43
C ALA A 818 -3.71 27.58 26.43
N ASP A 819 -2.46 28.01 26.49
CA ASP A 819 -1.88 28.83 25.42
C ASP A 819 -1.84 28.06 24.10
N GLU A 820 -1.62 26.75 24.18
CA GLU A 820 -1.39 25.98 22.96
C GLU A 820 -2.70 25.56 22.30
N ILE A 821 -3.80 25.59 23.05
CA ILE A 821 -5.11 25.54 22.38
C ILE A 821 -5.36 26.84 21.65
N GLY A 822 -5.12 27.95 22.33
CA GLY A 822 -5.49 29.25 21.89
C GLY A 822 -4.69 29.86 20.77
N LYS A 823 -3.77 29.11 20.14
CA LYS A 823 -3.16 29.61 18.93
C LYS A 823 -4.04 29.37 17.70
N PHE A 824 -5.13 28.64 17.84
CA PHE A 824 -6.08 28.46 16.76
C PHE A 824 -7.36 29.25 16.96
N LEU A 825 -7.50 29.92 18.09
CA LEU A 825 -8.70 30.65 18.45
C LEU A 825 -8.41 32.14 18.35
N ASP A 826 -9.42 32.91 17.92
CA ASP A 826 -9.27 34.36 17.85
C ASP A 826 -10.30 35.04 18.73
N PHE A 827 -9.84 35.56 19.86
CA PHE A 827 -10.65 36.35 20.77
C PHE A 827 -10.45 37.81 20.40
N ASN A 828 -11.45 38.38 19.73
CA ASN A 828 -11.46 39.76 19.23
C ASN A 828 -10.27 40.01 18.30
N GLY A 829 -10.07 39.10 17.36
CA GLY A 829 -9.02 39.24 16.38
C GLY A 829 -7.62 38.93 16.87
N ASN A 830 -7.47 38.46 18.10
CA ASN A 830 -6.17 38.14 18.66
C ASN A 830 -6.20 36.73 19.22
N LYS A 831 -5.04 36.07 19.18
CA LYS A 831 -4.91 34.74 19.73
C LYS A 831 -5.02 34.78 21.25
N VAL A 832 -5.91 33.96 21.79
CA VAL A 832 -6.06 33.87 23.24
C VAL A 832 -4.87 33.13 23.83
N LYS A 833 -4.15 33.79 24.74
CA LYS A 833 -2.96 33.26 25.37
C LYS A 833 -3.11 33.09 26.87
N ASP A 834 -3.73 34.05 27.53
CA ASP A 834 -4.01 33.96 28.95
C ASP A 834 -5.10 32.92 29.18
N ASN A 835 -4.97 32.16 30.27
CA ASN A 835 -5.96 31.15 30.60
C ASN A 835 -7.27 31.79 31.04
N LYS A 836 -7.20 32.98 31.63
CA LYS A 836 -8.40 33.72 31.99
C LYS A 836 -9.17 34.18 30.77
N GLU A 837 -8.46 34.50 29.68
CA GLU A 837 -9.13 34.92 28.46
C GLU A 837 -9.84 33.77 27.77
N LEU A 838 -9.41 32.53 28.02
CA LEU A 838 -10.08 31.39 27.41
C LEU A 838 -11.44 31.17 28.04
N LYS A 839 -11.56 31.39 29.36
CA LYS A 839 -12.86 31.37 29.99
C LYS A 839 -13.69 32.57 29.56
N LYS A 840 -13.04 33.69 29.29
CA LYS A 840 -13.72 34.85 28.72
C LYS A 840 -14.09 34.64 27.26
N PHE A 841 -13.40 33.72 26.58
CA PHE A 841 -13.66 33.48 25.16
C PHE A 841 -15.02 32.84 24.93
N ASP A 842 -15.21 31.63 25.44
CA ASP A 842 -16.48 30.95 25.28
C ASP A 842 -17.38 31.19 26.48
N THR A 843 -18.64 30.79 26.33
CA THR A 843 -19.60 30.84 27.41
C THR A 843 -20.26 29.49 27.66
N ASN A 844 -20.51 28.73 26.59
CA ASN A 844 -21.12 27.42 26.69
C ASN A 844 -20.18 26.37 27.26
N LYS A 845 -18.88 26.68 27.35
CA LYS A 845 -17.88 25.88 28.05
C LYS A 845 -17.70 24.50 27.41
N ILE A 846 -17.71 24.48 26.07
CA ILE A 846 -17.22 23.30 25.36
C ILE A 846 -15.70 23.28 25.35
N TYR A 847 -15.09 24.45 25.47
CA TYR A 847 -13.70 24.63 25.86
C TYR A 847 -13.67 24.86 27.36
N PHE A 848 -12.66 25.59 27.83
CA PHE A 848 -11.98 25.51 29.13
C PHE A 848 -12.75 24.92 30.30
N ASP A 849 -13.91 25.49 30.67
CA ASP A 849 -14.81 24.95 31.69
C ASP A 849 -14.08 24.71 33.02
N GLY A 850 -13.72 25.81 33.68
CA GLY A 850 -12.72 25.76 34.73
C GLY A 850 -13.18 25.01 35.97
N GLU A 851 -12.20 24.54 36.75
CA GLU A 851 -10.78 24.70 36.42
C GLU A 851 -10.15 23.42 35.88
N ASN A 852 -10.41 23.15 34.60
CA ASN A 852 -9.84 22.02 33.88
C ASN A 852 -9.68 22.38 32.41
N ILE A 853 -9.40 21.39 31.58
CA ILE A 853 -9.46 21.51 30.13
C ILE A 853 -10.34 20.36 29.65
N ILE A 854 -11.11 20.62 28.58
CA ILE A 854 -11.97 19.59 28.01
C ILE A 854 -11.14 18.54 27.28
N LYS A 855 -9.91 18.89 26.89
CA LYS A 855 -8.85 17.97 26.49
C LYS A 855 -9.20 17.13 25.28
N HIS A 856 -9.35 17.77 24.13
CA HIS A 856 -9.85 17.09 22.93
C HIS A 856 -8.82 16.10 22.39
N ARG A 857 -9.34 15.08 21.71
CA ARG A 857 -8.52 14.00 21.20
C ARG A 857 -7.65 14.44 20.02
N ALA A 858 -8.00 15.56 19.39
CA ALA A 858 -7.24 16.04 18.25
C ALA A 858 -5.89 16.58 18.64
N PHE A 859 -5.77 17.13 19.85
CA PHE A 859 -4.52 17.72 20.28
C PHE A 859 -3.52 16.70 20.79
N TYR A 860 -3.86 15.41 20.80
CA TYR A 860 -2.89 14.41 21.20
C TYR A 860 -1.87 14.18 20.11
N ASN A 861 -2.34 13.88 18.90
CA ASN A 861 -1.42 13.55 17.81
C ASN A 861 -0.68 14.77 17.32
N ILE A 862 -1.28 15.96 17.47
CA ILE A 862 -0.66 17.18 16.97
C ILE A 862 0.46 17.64 17.88
N LYS A 863 0.54 17.10 19.09
CA LYS A 863 1.53 17.49 20.08
C LYS A 863 2.58 16.41 20.29
N LYS A 864 2.17 15.14 20.19
CA LYS A 864 3.07 14.01 20.22
C LYS A 864 4.09 14.08 19.08
N TYR A 865 3.68 14.61 17.95
CA TYR A 865 4.51 14.70 16.76
C TYR A 865 4.94 16.13 16.47
N GLY A 866 4.67 17.05 17.41
CA GLY A 866 4.54 18.49 17.19
C GLY A 866 5.55 19.21 16.33
N MET A 867 5.23 19.77 15.14
CA MET A 867 3.98 19.78 14.32
C MET A 867 2.81 20.47 15.04
N LEU A 868 3.14 21.29 16.02
CA LEU A 868 2.15 22.16 16.65
C LEU A 868 2.41 23.62 16.34
N ASN A 869 3.67 24.04 16.29
CA ASN A 869 3.99 25.36 15.79
C ASN A 869 3.93 25.42 14.28
N LEU A 870 3.98 24.28 13.60
CA LEU A 870 3.81 24.27 12.16
C LEU A 870 2.37 24.56 11.78
N LEU A 871 1.42 23.87 12.41
CA LEU A 871 0.03 24.08 12.07
C LEU A 871 -0.53 25.38 12.61
N GLU A 872 0.18 26.06 13.50
CA GLU A 872 -0.12 27.48 13.73
C GLU A 872 0.15 28.29 12.48
N LYS A 873 1.31 28.07 11.85
CA LYS A 873 1.72 28.86 10.70
C LYS A 873 0.84 28.59 9.48
N ILE A 874 0.37 27.37 9.32
CA ILE A 874 -0.52 27.06 8.21
C ILE A 874 -1.90 27.67 8.45
N ALA A 875 -2.37 27.62 9.69
CA ALA A 875 -3.68 28.18 9.99
C ALA A 875 -3.67 29.71 9.97
N ASP A 876 -2.52 30.33 10.27
CA ASP A 876 -2.45 31.77 10.19
C ASP A 876 -2.42 32.26 8.75
N LYS A 877 -1.85 31.48 7.84
CA LYS A 877 -1.84 31.88 6.44
C LYS A 877 -3.22 31.70 5.81
N ALA A 878 -3.93 30.65 6.20
CA ALA A 878 -5.23 30.37 5.61
C ALA A 878 -6.37 31.05 6.35
N GLY A 879 -6.10 31.72 7.46
CA GLY A 879 -7.15 32.37 8.22
C GLY A 879 -8.09 31.41 8.92
N TYR A 880 -7.62 30.19 9.19
CA TYR A 880 -8.44 29.16 9.80
C TYR A 880 -8.45 29.38 11.31
N LYS A 881 -9.50 30.03 11.82
CA LYS A 881 -9.58 30.33 13.23
C LYS A 881 -11.00 30.06 13.72
N ILE A 882 -11.12 29.91 15.04
CA ILE A 882 -12.39 29.54 15.67
C ILE A 882 -13.03 30.82 16.17
N SER A 883 -13.95 31.38 15.38
CA SER A 883 -14.55 32.65 15.72
C SER A 883 -15.52 32.50 16.90
N ILE A 884 -15.83 33.64 17.52
CA ILE A 884 -16.72 33.64 18.68
C ILE A 884 -18.14 33.32 18.25
N GLU A 885 -18.63 34.01 17.22
CA GLU A 885 -19.97 33.77 16.71
C GLU A 885 -20.06 32.42 16.02
N GLU A 886 -18.95 31.89 15.54
CA GLU A 886 -18.97 30.56 14.95
C GLU A 886 -18.99 29.47 16.00
N LEU A 887 -18.37 29.72 17.15
CA LEU A 887 -18.50 28.79 18.27
C LEU A 887 -19.83 28.96 18.97
N LYS A 888 -20.41 30.16 18.91
CA LYS A 888 -21.72 30.37 19.51
C LYS A 888 -22.81 29.68 18.69
N LYS A 889 -22.64 29.60 17.37
CA LYS A 889 -23.58 28.89 16.52
C LYS A 889 -23.51 27.39 16.72
N TYR A 890 -22.41 26.89 17.29
CA TYR A 890 -22.26 25.47 17.55
C TYR A 890 -23.23 24.98 18.61
N SER A 891 -23.35 25.71 19.71
CA SER A 891 -24.23 25.27 20.78
C SER A 891 -25.70 25.46 20.43
N ASN A 892 -26.00 26.29 19.44
CA ASN A 892 -27.38 26.42 18.98
C ASN A 892 -27.76 25.24 18.09
N LYS A 893 -26.89 24.89 17.14
CA LYS A 893 -27.18 23.79 16.24
C LYS A 893 -27.01 22.43 16.90
N LYS A 894 -26.29 22.35 18.02
CA LYS A 894 -26.10 21.05 18.68
C LYS A 894 -27.38 20.55 19.31
N ASN A 895 -28.27 21.45 19.72
CA ASN A 895 -29.57 21.07 20.23
C ASN A 895 -30.60 20.87 19.13
N GLU A 896 -30.16 20.66 17.89
CA GLU A 896 -31.04 20.53 16.74
C GLU A 896 -30.69 19.32 15.87
N ILE A 897 -29.51 18.74 16.03
CA ILE A 897 -29.12 17.59 15.20
C ILE A 897 -29.97 16.37 15.52
N GLU A 898 -30.32 16.17 16.79
CA GLU A 898 -31.08 14.99 17.18
C GLU A 898 -32.49 15.02 16.61
N LYS A 899 -33.02 16.22 16.35
CA LYS A 899 -34.23 16.31 15.55
C LYS A 899 -33.94 16.06 14.08
N ASN A 900 -32.77 16.49 13.59
CA ASN A 900 -32.46 16.35 12.16
C ASN A 900 -31.92 14.97 11.83
N HIS A 901 -31.08 14.40 12.70
CA HIS A 901 -30.50 13.09 12.40
C HIS A 901 -31.54 11.99 12.49
N LYS A 902 -32.51 12.13 13.39
CA LYS A 902 -33.59 11.16 13.46
C LYS A 902 -34.52 11.30 12.25
N MET A 903 -34.77 12.54 11.82
CA MET A 903 -35.67 12.76 10.70
C MET A 903 -35.01 12.38 9.39
N GLN A 904 -33.68 12.36 9.36
CA GLN A 904 -32.98 11.86 8.19
C GLN A 904 -33.07 10.35 8.09
N GLU A 905 -32.93 9.65 9.23
CA GLU A 905 -33.00 8.20 9.22
C GLU A 905 -34.41 7.71 8.94
N ASN A 906 -35.42 8.47 9.36
CA ASN A 906 -36.79 8.06 9.13
C ASN A 906 -37.17 8.23 7.66
N LEU A 907 -36.74 9.33 7.05
CA LEU A 907 -37.09 9.56 5.65
C LEU A 907 -36.26 8.71 4.71
N HIS A 908 -35.05 8.34 5.12
CA HIS A 908 -34.27 7.41 4.34
C HIS A 908 -34.86 6.00 4.40
N ARG A 909 -35.54 5.66 5.48
CA ARG A 909 -36.18 4.37 5.59
C ARG A 909 -37.39 4.26 4.66
N LYS A 910 -38.09 5.37 4.42
CA LYS A 910 -39.14 5.39 3.41
C LYS A 910 -38.59 5.25 2.01
N TYR A 911 -37.33 5.63 1.80
CA TYR A 911 -36.66 5.46 0.52
C TYR A 911 -36.15 4.06 0.28
N ALA A 912 -35.56 3.42 1.28
CA ALA A 912 -34.96 2.11 1.08
C ALA A 912 -36.00 1.00 1.13
N ARG A 913 -36.66 0.84 2.28
CA ARG A 913 -37.65 -0.21 2.45
C ARG A 913 -38.97 0.45 2.83
N PRO A 914 -39.80 0.79 1.85
CA PRO A 914 -41.12 1.36 2.16
C PRO A 914 -42.04 0.38 2.86
N ARG A 915 -42.34 -0.74 2.18
CA ARG A 915 -43.04 -1.95 2.62
C ARG A 915 -44.55 -1.73 2.80
N LYS A 916 -45.02 -0.48 2.79
CA LYS A 916 -46.44 -0.26 3.10
C LYS A 916 -47.19 0.36 1.94
N ASP A 917 -46.69 1.47 1.40
CA ASP A 917 -47.53 2.30 0.55
C ASP A 917 -46.88 2.61 -0.78
N GLU A 918 -45.59 2.28 -0.92
CA GLU A 918 -44.70 2.64 -2.04
C GLU A 918 -44.64 4.16 -2.22
N LYS A 919 -44.68 4.90 -1.11
CA LYS A 919 -44.53 6.35 -1.03
C LYS A 919 -43.06 6.75 -1.06
N PHE A 920 -42.73 7.87 -0.38
CA PHE A 920 -41.60 8.77 -0.57
C PHE A 920 -41.85 9.58 -1.83
N THR A 921 -42.97 10.30 -1.81
CA THR A 921 -43.29 11.29 -2.84
C THR A 921 -42.42 12.52 -2.71
N ASP A 922 -42.68 13.51 -3.58
CA ASP A 922 -41.80 14.66 -3.72
C ASP A 922 -41.85 15.60 -2.52
N GLU A 923 -42.91 15.57 -1.73
CA GLU A 923 -42.92 16.36 -0.50
C GLU A 923 -42.03 15.75 0.57
N ASP A 924 -41.78 14.44 0.50
CA ASP A 924 -40.79 13.83 1.35
C ASP A 924 -39.38 14.10 0.87
N TYR A 925 -39.21 14.34 -0.43
CA TYR A 925 -37.89 14.61 -0.98
C TYR A 925 -37.34 15.93 -0.50
N GLU A 926 -38.14 17.00 -0.62
CA GLU A 926 -37.66 18.33 -0.25
C GLU A 926 -37.46 18.45 1.25
N SER A 927 -38.22 17.67 2.02
CA SER A 927 -37.99 17.62 3.46
C SER A 927 -36.72 16.86 3.79
N TYR A 928 -36.37 15.87 2.97
CA TYR A 928 -35.11 15.16 3.15
C TYR A 928 -33.93 16.01 2.75
N LYS A 929 -34.12 16.91 1.79
CA LYS A 929 -33.04 17.80 1.36
C LYS A 929 -32.67 18.77 2.47
N GLN A 930 -33.66 19.40 3.09
CA GLN A 930 -33.40 20.32 4.19
C GLN A 930 -32.90 19.61 5.43
N ALA A 931 -33.11 18.31 5.54
CA ALA A 931 -32.55 17.55 6.65
C ALA A 931 -31.05 17.39 6.50
N ILE A 932 -30.61 16.92 5.33
CA ILE A 932 -29.20 16.64 5.14
C ILE A 932 -28.38 17.90 4.91
N GLU A 933 -28.98 19.01 4.48
CA GLU A 933 -28.24 20.26 4.43
C GLU A 933 -27.94 20.77 5.84
N ASN A 934 -28.81 20.48 6.79
CA ASN A 934 -28.56 20.90 8.16
C ASN A 934 -27.56 19.99 8.86
N ILE A 935 -27.54 18.70 8.50
CA ILE A 935 -26.51 17.82 9.03
C ILE A 935 -25.16 18.16 8.43
N GLU A 936 -25.16 18.55 7.16
CA GLU A 936 -23.92 18.92 6.48
C GLU A 936 -23.30 20.18 7.08
N GLU A 937 -24.10 21.23 7.29
CA GLU A 937 -23.55 22.44 7.85
C GLU A 937 -23.30 22.33 9.34
N TYR A 938 -23.76 21.27 10.00
CA TYR A 938 -23.40 21.05 11.38
C TYR A 938 -22.14 20.21 11.51
N THR A 939 -22.04 19.13 10.72
CA THR A 939 -20.89 18.25 10.81
C THR A 939 -19.62 18.94 10.34
N HIS A 940 -19.73 19.82 9.34
CA HIS A 940 -18.62 20.68 8.98
C HIS A 940 -18.29 21.67 10.08
N LEU A 941 -19.28 22.03 10.88
CA LEU A 941 -19.10 23.00 11.94
C LEU A 941 -18.74 22.32 13.25
N LYS A 942 -19.21 21.10 13.47
CA LYS A 942 -18.80 20.34 14.64
C LYS A 942 -17.32 19.99 14.58
N ASN A 943 -16.87 19.52 13.42
CA ASN A 943 -15.48 19.12 13.24
C ASN A 943 -14.51 20.29 13.33
N LYS A 944 -14.99 21.52 13.18
CA LYS A 944 -14.10 22.65 13.28
C LYS A 944 -13.84 23.04 14.73
N VAL A 945 -14.89 23.05 15.56
CA VAL A 945 -14.72 23.44 16.96
C VAL A 945 -14.33 22.26 17.84
N GLU A 946 -14.49 21.03 17.37
CA GLU A 946 -13.93 19.87 18.04
C GLU A 946 -12.50 19.59 17.58
N PHE A 947 -11.98 20.42 16.69
CA PHE A 947 -10.64 20.35 16.11
C PHE A 947 -10.40 19.09 15.31
N ASN A 948 -11.45 18.41 14.88
CA ASN A 948 -11.32 17.23 14.05
C ASN A 948 -10.80 17.54 12.66
N GLU A 949 -10.90 18.80 12.23
CA GLU A 949 -10.29 19.19 10.97
C GLU A 949 -8.78 19.36 11.11
N LEU A 950 -8.30 19.78 12.27
CA LEU A 950 -6.86 19.78 12.49
C LEU A 950 -6.32 18.38 12.72
N ASN A 951 -7.14 17.48 13.27
CA ASN A 951 -6.74 16.08 13.37
C ASN A 951 -6.77 15.43 12.01
N LEU A 952 -7.58 15.94 11.09
CA LEU A 952 -7.55 15.46 9.72
C LEU A 952 -6.39 16.07 8.96
N LEU A 953 -5.99 17.30 9.29
CA LEU A 953 -4.88 17.91 8.59
C LEU A 953 -3.55 17.32 9.05
N GLN A 954 -3.36 17.21 10.36
CA GLN A 954 -2.21 16.52 10.92
C GLN A 954 -2.16 15.08 10.47
N GLY A 955 -3.32 14.42 10.37
CA GLY A 955 -3.35 13.07 9.84
C GLY A 955 -3.04 12.98 8.37
N LEU A 956 -3.26 14.07 7.62
CA LEU A 956 -2.96 14.09 6.20
C LEU A 956 -1.52 14.45 5.90
N LEU A 957 -0.97 15.43 6.63
CA LEU A 957 0.41 15.82 6.43
C LEU A 957 1.36 14.70 6.80
N LEU A 958 1.02 13.95 7.83
CA LEU A 958 1.92 12.92 8.29
C LEU A 958 1.78 11.67 7.45
N ARG A 959 0.58 11.40 6.91
CA ARG A 959 0.37 10.25 6.04
C ARG A 959 1.13 10.39 4.74
N ILE A 960 1.24 11.62 4.24
CA ILE A 960 2.03 11.86 3.03
C ILE A 960 3.51 11.69 3.33
N LEU A 961 3.97 12.19 4.46
CA LEU A 961 5.38 12.10 4.78
C LEU A 961 5.79 10.69 5.17
N HIS A 962 4.88 9.89 5.72
CA HIS A 962 5.23 8.49 5.91
C HIS A 962 5.20 7.71 4.60
N ARG A 963 4.48 8.19 3.59
CA ARG A 963 4.48 7.47 2.34
C ARG A 963 5.71 7.80 1.52
N LEU A 964 6.14 9.06 1.55
CA LEU A 964 7.28 9.45 0.75
C LEU A 964 8.59 8.93 1.30
N VAL A 965 8.61 8.50 2.57
CA VAL A 965 9.75 7.72 3.07
C VAL A 965 9.85 6.41 2.32
N GLY A 966 8.70 5.80 2.02
CA GLY A 966 8.66 4.56 1.29
C GLY A 966 9.13 4.64 -0.15
N TYR A 967 9.28 5.85 -0.70
CA TYR A 967 9.92 5.99 -2.00
C TYR A 967 11.41 6.27 -1.90
N THR A 968 11.84 6.93 -0.84
CA THR A 968 13.28 7.12 -0.65
C THR A 968 13.95 5.87 -0.13
N SER A 969 13.19 4.94 0.44
CA SER A 969 13.76 3.65 0.80
C SER A 969 13.90 2.76 -0.42
N ILE A 970 13.04 2.93 -1.43
CA ILE A 970 13.26 2.25 -2.70
C ILE A 970 14.48 2.83 -3.40
N TRP A 971 14.70 4.13 -3.25
CA TRP A 971 15.85 4.77 -3.87
C TRP A 971 17.16 4.28 -3.26
N GLU A 972 17.22 4.12 -1.93
CA GLU A 972 18.44 3.64 -1.30
C GLU A 972 18.73 2.19 -1.70
N ARG A 973 17.69 1.38 -1.85
CA ARG A 973 17.92 0.01 -2.29
C ARG A 973 18.28 -0.03 -3.76
N ASP A 974 17.67 0.81 -4.59
CA ASP A 974 18.01 0.82 -5.99
C ASP A 974 19.25 1.65 -6.30
N LEU A 975 19.84 2.31 -5.30
CA LEU A 975 21.10 2.99 -5.56
C LEU A 975 22.26 2.01 -5.52
N ARG A 976 22.29 1.14 -4.52
CA ARG A 976 23.32 0.12 -4.45
C ARG A 976 23.17 -0.93 -5.53
N PHE A 977 21.98 -1.06 -6.12
CA PHE A 977 21.81 -2.07 -7.15
C PHE A 977 22.33 -1.57 -8.48
N ARG A 978 22.18 -0.28 -8.78
CA ARG A 978 22.73 0.24 -10.02
C ARG A 978 24.25 0.28 -9.97
N LEU A 979 24.81 0.60 -8.80
CA LEU A 979 26.26 0.69 -8.69
C LEU A 979 26.89 -0.69 -8.70
N LYS A 980 26.24 -1.67 -8.10
CA LYS A 980 26.77 -3.02 -8.15
C LYS A 980 26.51 -3.67 -9.51
N GLY A 981 25.50 -3.21 -10.22
CA GLY A 981 25.24 -3.71 -11.55
C GLY A 981 26.19 -3.12 -12.58
N GLU A 982 26.52 -1.84 -12.42
CA GLU A 982 27.52 -1.23 -13.29
C GLU A 982 28.91 -1.76 -13.01
N PHE A 983 29.23 -2.01 -11.74
CA PHE A 983 30.58 -2.36 -11.33
C PHE A 983 30.52 -3.63 -10.49
N PRO A 984 30.65 -4.80 -11.11
CA PRO A 984 30.70 -6.04 -10.31
C PRO A 984 31.97 -6.15 -9.50
N GLU A 985 33.04 -5.51 -9.96
CA GLU A 985 34.26 -5.27 -9.21
C GLU A 985 34.05 -4.09 -8.26
N ASN A 986 35.13 -3.50 -7.75
CA ASN A 986 35.09 -2.28 -6.92
C ASN A 986 34.27 -2.50 -5.66
N GLN A 987 34.80 -3.34 -4.76
CA GLN A 987 34.13 -3.75 -3.52
C GLN A 987 33.86 -2.60 -2.55
N TYR A 988 34.45 -1.44 -2.81
CA TYR A 988 34.23 -0.22 -2.03
C TYR A 988 32.80 0.31 -2.14
N ILE A 989 32.02 -0.16 -3.11
CA ILE A 989 30.64 0.27 -3.25
C ILE A 989 29.80 -0.17 -2.07
N GLU A 990 30.06 -1.38 -1.55
CA GLU A 990 29.34 -1.86 -0.38
C GLU A 990 29.68 -1.05 0.86
N GLU A 991 30.85 -0.41 0.86
CA GLU A 991 31.28 0.38 1.99
C GLU A 991 30.58 1.74 2.03
N ILE A 992 29.91 2.11 0.94
CA ILE A 992 29.07 3.31 0.95
C ILE A 992 27.86 3.09 1.85
N PHE A 993 27.27 1.91 1.77
CA PHE A 993 25.97 1.66 2.38
C PHE A 993 26.12 1.03 3.76
N ASN A 994 26.90 1.69 4.60
CA ASN A 994 27.09 1.31 5.99
C ASN A 994 26.85 2.54 6.84
N PHE A 995 26.67 2.36 8.15
CA PHE A 995 25.98 3.39 8.93
C PHE A 995 26.66 3.78 10.24
N GLU A 996 27.83 3.23 10.57
CA GLU A 996 28.64 3.86 11.62
C GLU A 996 30.04 4.25 11.14
N ASN A 997 30.84 3.40 10.48
CA ASN A 997 30.87 1.94 10.46
C ASN A 997 32.16 1.45 11.11
N LYS A 998 33.14 2.36 11.14
CA LYS A 998 34.47 2.32 11.78
C LYS A 998 35.43 1.41 11.01
N LYS A 999 34.95 0.67 10.01
CA LYS A 999 35.75 -0.30 9.28
C LYS A 999 36.14 0.21 7.90
N ASN A 1000 35.51 1.29 7.43
CA ASN A 1000 35.59 1.68 6.03
C ASN A 1000 36.96 2.26 5.70
N VAL A 1001 37.46 1.92 4.50
CA VAL A 1001 38.77 2.36 4.08
C VAL A 1001 38.69 3.73 3.41
N LYS A 1002 37.79 3.89 2.46
CA LYS A 1002 37.79 5.07 1.60
C LYS A 1002 36.72 6.09 1.95
N TYR A 1003 35.53 5.66 2.37
CA TYR A 1003 34.40 6.55 2.60
C TYR A 1003 34.09 6.50 4.08
N LYS A 1004 34.82 7.29 4.88
CA LYS A 1004 34.78 7.08 6.33
C LYS A 1004 33.52 7.67 6.95
N GLY A 1005 33.32 8.97 6.81
CA GLY A 1005 32.28 9.68 7.51
C GLY A 1005 31.15 10.13 6.59
N GLY A 1006 29.98 10.32 7.17
CA GLY A 1006 28.83 10.82 6.46
C GLY A 1006 27.75 9.77 6.34
N GLN A 1007 26.61 10.21 5.82
CA GLN A 1007 25.52 9.32 5.48
C GLN A 1007 25.67 8.91 4.01
N ILE A 1008 24.61 8.36 3.42
CA ILE A 1008 24.69 7.74 2.09
C ILE A 1008 24.97 8.79 1.02
N VAL A 1009 24.30 9.95 1.10
CA VAL A 1009 24.47 10.98 0.09
C VAL A 1009 25.83 11.63 0.21
N GLU A 1010 26.31 11.81 1.44
CA GLU A 1010 27.62 12.45 1.66
C GLU A 1010 28.75 11.54 1.22
N LYS A 1011 28.55 10.22 1.24
CA LYS A 1011 29.55 9.30 0.75
C LYS A 1011 29.39 8.95 -0.72
N TYR A 1012 28.18 9.12 -1.27
CA TYR A 1012 28.01 8.85 -2.70
C TYR A 1012 28.61 9.95 -3.56
N ILE A 1013 28.57 11.20 -3.08
CA ILE A 1013 29.04 12.31 -3.91
C ILE A 1013 30.56 12.25 -4.10
N LYS A 1014 31.29 11.69 -3.14
CA LYS A 1014 32.72 11.51 -3.36
C LYS A 1014 33.03 10.23 -4.10
N PHE A 1015 32.10 9.28 -4.13
CA PHE A 1015 32.22 8.19 -5.09
C PHE A 1015 31.98 8.69 -6.51
N TYR A 1016 31.06 9.63 -6.67
CA TYR A 1016 30.73 10.13 -7.99
C TYR A 1016 31.83 11.01 -8.55
N LYS A 1017 32.53 11.75 -7.68
CA LYS A 1017 33.59 12.63 -8.15
C LYS A 1017 34.86 11.88 -8.51
N GLU A 1018 35.22 10.85 -7.74
CA GLU A 1018 36.42 10.09 -8.06
C GLU A 1018 36.21 9.11 -9.20
N LEU A 1019 34.97 8.93 -9.66
CA LEU A 1019 34.69 8.13 -10.83
C LEU A 1019 34.67 8.97 -12.09
N HIS A 1020 34.28 10.23 -11.99
CA HIS A 1020 34.23 11.13 -13.12
C HIS A 1020 35.30 12.21 -13.03
N GLN A 1021 36.51 11.86 -12.59
CA GLN A 1021 37.56 12.85 -12.36
C GLN A 1021 38.08 13.46 -13.66
N ASN A 1022 37.84 12.80 -14.79
CA ASN A 1022 38.26 13.29 -16.09
C ASN A 1022 37.11 13.84 -16.93
N ASP A 1023 35.91 13.91 -16.38
CA ASP A 1023 34.70 14.21 -17.16
C ASP A 1023 33.86 15.31 -16.53
N GLU A 1024 34.47 16.45 -16.21
CA GLU A 1024 33.71 17.69 -15.99
C GLU A 1024 32.92 18.01 -17.25
N VAL A 1025 31.69 18.52 -17.11
CA VAL A 1025 31.16 19.40 -16.06
C VAL A 1025 30.56 18.65 -14.84
N LYS A 1026 30.55 17.31 -14.92
CA LYS A 1026 29.84 16.49 -13.94
C LYS A 1026 30.42 16.60 -12.52
N ILE A 1027 31.71 16.97 -12.41
CA ILE A 1027 32.24 17.31 -11.10
C ILE A 1027 31.68 18.64 -10.63
N ASN A 1028 31.62 19.62 -11.53
CA ASN A 1028 31.19 20.96 -11.17
C ASN A 1028 29.69 21.00 -10.89
N LYS A 1029 28.96 19.98 -11.34
CA LYS A 1029 27.56 19.84 -10.98
C LYS A 1029 27.42 19.48 -9.50
N TYR A 1030 28.44 18.82 -8.93
CA TYR A 1030 28.51 18.55 -7.50
C TYR A 1030 29.67 19.27 -6.83
N SER A 1031 30.10 20.41 -7.36
CA SER A 1031 31.21 21.13 -6.77
C SER A 1031 30.81 21.77 -5.44
N SER A 1032 31.81 22.15 -4.66
CA SER A 1032 31.60 22.62 -3.30
C SER A 1032 30.90 23.97 -3.24
N ALA A 1033 30.95 24.76 -4.32
CA ALA A 1033 30.15 25.97 -4.38
C ALA A 1033 28.74 25.68 -4.88
N ASN A 1034 28.61 24.68 -5.76
CA ASN A 1034 27.30 24.31 -6.27
C ASN A 1034 26.53 23.51 -5.25
N ILE A 1035 27.22 22.86 -4.32
CA ILE A 1035 26.55 21.96 -3.36
C ILE A 1035 25.81 22.75 -2.28
N LYS A 1036 26.12 24.03 -2.09
CA LYS A 1036 25.41 24.81 -1.09
C LYS A 1036 24.03 25.22 -1.58
N VAL A 1037 23.93 25.56 -2.86
CA VAL A 1037 22.61 25.77 -3.47
C VAL A 1037 21.86 24.45 -3.54
N LEU A 1038 22.59 23.36 -3.79
CA LEU A 1038 21.98 22.05 -3.93
C LEU A 1038 21.47 21.51 -2.60
N LYS A 1039 22.13 21.87 -1.50
CA LYS A 1039 21.73 21.36 -0.19
C LYS A 1039 20.63 22.20 0.44
N GLN A 1040 20.70 23.52 0.29
CA GLN A 1040 19.74 24.40 0.94
C GLN A 1040 18.39 24.33 0.27
N GLU A 1041 18.36 24.21 -1.06
CA GLU A 1041 17.12 24.06 -1.80
C GLU A 1041 16.63 22.62 -1.83
N LYS A 1042 17.39 21.68 -1.25
CA LYS A 1042 17.06 20.25 -1.20
C LYS A 1042 16.80 19.67 -2.57
N LYS A 1043 17.70 19.99 -3.49
CA LYS A 1043 17.66 19.47 -4.85
C LYS A 1043 18.30 18.09 -4.91
N ASP A 1044 18.66 17.67 -6.13
CA ASP A 1044 18.57 16.32 -6.67
C ASP A 1044 18.73 15.17 -5.67
N LEU A 1045 19.80 15.15 -4.88
CA LEU A 1045 20.01 14.01 -3.99
C LEU A 1045 19.91 14.34 -2.51
N TYR A 1046 19.77 15.60 -2.14
CA TYR A 1046 19.62 15.94 -0.73
C TYR A 1046 18.17 15.95 -0.29
N ILE A 1047 17.25 15.63 -1.18
CA ILE A 1047 15.87 15.40 -0.80
C ILE A 1047 15.72 14.04 -0.13
N ALA A 1048 16.66 13.13 -0.38
CA ALA A 1048 16.57 11.79 0.20
C ALA A 1048 16.88 11.81 1.68
N ASN A 1049 17.87 12.59 2.10
CA ASN A 1049 18.08 12.81 3.53
C ASN A 1049 17.01 13.72 4.11
N TYR A 1050 16.30 14.46 3.28
CA TYR A 1050 15.29 15.38 3.79
C TYR A 1050 13.98 14.66 4.07
N ILE A 1051 13.58 13.76 3.19
CA ILE A 1051 12.32 13.05 3.39
C ILE A 1051 12.48 11.96 4.43
N ALA A 1052 13.57 11.18 4.35
CA ALA A 1052 13.73 10.04 5.23
C ALA A 1052 14.03 10.43 6.67
N ALA A 1053 14.47 11.65 6.92
CA ALA A 1053 14.67 12.10 8.27
C ALA A 1053 13.49 12.89 8.80
N PHE A 1054 12.42 13.02 8.01
CA PHE A 1054 11.23 13.83 8.31
C PHE A 1054 11.59 15.27 8.67
N ASN A 1055 12.48 15.86 7.88
CA ASN A 1055 12.91 17.21 8.19
C ASN A 1055 11.92 18.27 7.72
N TYR A 1056 10.77 17.88 7.17
CA TYR A 1056 9.73 18.84 6.88
C TYR A 1056 9.10 19.36 8.16
N ILE A 1057 9.01 18.52 9.19
CA ILE A 1057 7.98 18.72 10.22
C ILE A 1057 8.20 19.88 11.17
N PRO A 1058 9.43 20.31 11.56
CA PRO A 1058 9.44 21.44 12.50
C PRO A 1058 9.29 22.80 11.83
N HIS A 1059 9.85 22.98 10.65
CA HIS A 1059 10.01 24.32 10.09
C HIS A 1059 9.39 24.45 8.70
N ALA A 1060 9.39 23.37 7.91
CA ALA A 1060 8.86 23.30 6.55
C ALA A 1060 9.47 24.34 5.65
N GLU A 1061 10.80 24.36 5.53
CA GLU A 1061 11.45 25.38 4.74
C GLU A 1061 11.51 25.04 3.27
N ILE A 1062 10.83 23.97 2.86
CA ILE A 1062 10.51 23.72 1.47
C ILE A 1062 9.14 23.03 1.45
N SER A 1063 8.26 23.50 0.57
CA SER A 1063 6.87 23.08 0.58
C SER A 1063 6.73 21.65 0.07
N LEU A 1064 5.54 21.08 0.26
CA LEU A 1064 5.29 19.73 -0.22
C LEU A 1064 5.33 19.65 -1.74
N LEU A 1065 4.72 20.61 -2.43
CA LEU A 1065 4.75 20.61 -3.89
C LEU A 1065 6.13 20.84 -4.47
N GLU A 1066 7.11 21.21 -3.66
CA GLU A 1066 8.49 21.24 -4.09
C GLU A 1066 9.27 20.03 -3.56
N VAL A 1067 8.78 19.39 -2.50
CA VAL A 1067 9.28 18.08 -2.11
C VAL A 1067 8.86 17.04 -3.14
N LEU A 1068 7.58 17.04 -3.52
CA LEU A 1068 7.10 16.12 -4.53
C LEU A 1068 7.71 16.43 -5.90
N GLU A 1069 8.08 17.68 -6.14
CA GLU A 1069 8.84 18.03 -7.34
C GLU A 1069 10.24 17.44 -7.30
N ASN A 1070 10.94 17.60 -6.18
CA ASN A 1070 12.31 17.11 -6.09
C ASN A 1070 12.39 15.62 -5.89
N LEU A 1071 11.30 14.97 -5.51
CA LEU A 1071 11.33 13.52 -5.40
C LEU A 1071 11.14 12.86 -6.76
N ARG A 1072 10.32 13.46 -7.63
CA ARG A 1072 10.22 12.97 -9.00
C ARG A 1072 11.48 13.23 -9.79
N LYS A 1073 12.28 14.23 -9.40
CA LYS A 1073 13.60 14.40 -10.00
C LYS A 1073 14.57 13.35 -9.49
N LEU A 1074 14.42 12.95 -8.23
CA LEU A 1074 15.26 11.90 -7.66
C LEU A 1074 14.96 10.55 -8.27
N LEU A 1075 13.68 10.23 -8.46
CA LEU A 1075 13.25 8.95 -8.97
C LEU A 1075 13.15 8.92 -10.48
N SER A 1076 13.93 9.73 -11.18
CA SER A 1076 13.85 9.76 -12.63
C SER A 1076 14.54 8.59 -13.30
N TYR A 1077 15.28 7.77 -12.54
CA TYR A 1077 15.93 6.61 -13.13
C TYR A 1077 14.93 5.53 -13.51
N ASP A 1078 13.86 5.38 -12.73
CA ASP A 1078 12.87 4.33 -12.95
C ASP A 1078 11.55 5.00 -13.25
N ARG A 1079 10.97 4.69 -14.40
CA ARG A 1079 9.78 5.38 -14.83
C ARG A 1079 8.54 4.91 -14.08
N LYS A 1080 8.52 3.65 -13.61
CA LYS A 1080 7.35 3.19 -12.89
C LYS A 1080 7.28 3.77 -11.49
N LEU A 1081 8.39 4.29 -10.98
CA LEU A 1081 8.43 4.94 -9.68
C LEU A 1081 8.26 6.44 -9.79
N LYS A 1082 8.74 7.05 -10.87
CA LYS A 1082 8.51 8.46 -11.07
C LYS A 1082 7.04 8.74 -11.32
N ASN A 1083 6.36 7.81 -11.98
CA ASN A 1083 4.94 7.99 -12.25
C ASN A 1083 4.09 7.66 -11.04
N ALA A 1084 4.56 6.77 -10.16
CA ALA A 1084 3.77 6.36 -9.01
C ALA A 1084 3.92 7.27 -7.81
N VAL A 1085 4.65 8.38 -7.96
CA VAL A 1085 4.71 9.35 -6.87
C VAL A 1085 3.40 10.11 -6.77
N MET A 1086 2.94 10.67 -7.88
CA MET A 1086 1.69 11.43 -7.88
C MET A 1086 0.49 10.53 -7.71
N LYS A 1087 0.57 9.28 -8.16
CA LYS A 1087 -0.55 8.37 -7.98
C LYS A 1087 -0.75 8.02 -6.51
N SER A 1088 0.34 7.94 -5.75
CA SER A 1088 0.21 7.65 -4.34
C SER A 1088 -0.15 8.88 -3.53
N VAL A 1089 0.00 10.09 -4.06
CA VAL A 1089 -0.40 11.28 -3.33
C VAL A 1089 -1.88 11.58 -3.56
N VAL A 1090 -2.35 11.38 -4.79
CA VAL A 1090 -3.77 11.55 -5.08
C VAL A 1090 -4.61 10.52 -4.33
N ASP A 1091 -4.11 9.30 -4.23
CA ASP A 1091 -4.84 8.27 -3.50
C ASP A 1091 -4.83 8.46 -1.99
N ILE A 1092 -3.83 9.15 -1.45
CA ILE A 1092 -3.90 9.51 -0.03
C ILE A 1092 -4.90 10.62 0.17
N LEU A 1093 -4.91 11.62 -0.71
CA LEU A 1093 -5.89 12.70 -0.64
C LEU A 1093 -7.31 12.19 -0.89
N LYS A 1094 -7.46 11.10 -1.63
CA LYS A 1094 -8.78 10.55 -1.84
C LYS A 1094 -9.27 9.77 -0.62
N GLU A 1095 -8.36 9.22 0.19
CA GLU A 1095 -8.80 8.53 1.41
C GLU A 1095 -9.35 9.52 2.43
N TYR A 1096 -8.79 10.70 2.49
CA TYR A 1096 -9.26 11.72 3.42
C TYR A 1096 -10.30 12.63 2.81
N GLY A 1097 -10.92 12.21 1.72
CA GLY A 1097 -12.04 12.93 1.17
C GLY A 1097 -11.66 14.18 0.42
N PHE A 1098 -10.73 14.08 -0.52
CA PHE A 1098 -10.37 15.20 -1.37
C PHE A 1098 -10.08 14.69 -2.77
N VAL A 1099 -10.48 15.47 -3.76
CA VAL A 1099 -10.19 15.17 -5.16
C VAL A 1099 -9.20 16.24 -5.63
N ALA A 1100 -7.97 15.83 -5.88
CA ALA A 1100 -6.91 16.76 -6.22
C ALA A 1100 -6.68 16.75 -7.73
N THR A 1101 -6.59 17.94 -8.32
CA THR A 1101 -6.20 18.11 -9.70
C THR A 1101 -4.90 18.89 -9.70
N PHE A 1102 -3.78 18.17 -9.74
CA PHE A 1102 -2.48 18.80 -9.82
C PHE A 1102 -2.20 19.20 -11.26
N LYS A 1103 -1.34 20.21 -11.43
CA LYS A 1103 -0.81 20.51 -12.74
C LYS A 1103 0.71 20.51 -12.66
N ILE A 1104 1.33 20.02 -13.72
CA ILE A 1104 2.78 19.97 -13.83
C ILE A 1104 3.14 20.77 -15.08
N GLY A 1105 3.78 21.90 -14.89
CA GLY A 1105 3.95 22.86 -15.96
C GLY A 1105 5.00 22.45 -16.98
N ALA A 1106 5.32 23.41 -17.85
CA ALA A 1106 6.40 23.21 -18.80
C ALA A 1106 7.74 23.10 -18.09
N ASP A 1107 7.95 23.91 -17.06
CA ASP A 1107 9.00 23.62 -16.11
C ASP A 1107 8.56 22.47 -15.22
N LYS A 1108 9.53 21.72 -14.70
CA LYS A 1108 9.23 20.57 -13.86
C LYS A 1108 8.82 21.10 -12.49
N LYS A 1109 7.55 21.47 -12.37
CA LYS A 1109 7.07 22.12 -11.16
C LYS A 1109 5.60 21.81 -10.97
N ILE A 1110 5.23 21.51 -9.73
CA ILE A 1110 3.91 20.97 -9.41
C ILE A 1110 3.12 22.05 -8.68
N GLY A 1111 1.89 22.27 -9.11
CA GLY A 1111 0.99 23.16 -8.40
C GLY A 1111 -0.41 22.58 -8.42
N ILE A 1112 -1.18 22.94 -7.40
CA ILE A 1112 -2.55 22.48 -7.29
C ILE A 1112 -3.44 23.41 -8.10
N GLN A 1113 -4.20 22.84 -9.03
CA GLN A 1113 -5.20 23.64 -9.72
C GLN A 1113 -6.44 23.79 -8.85
N THR A 1114 -7.11 22.68 -8.54
CA THR A 1114 -8.30 22.68 -7.69
C THR A 1114 -8.28 21.50 -6.74
N LEU A 1115 -8.63 21.75 -5.48
CA LEU A 1115 -9.09 20.72 -4.57
C LEU A 1115 -10.60 20.81 -4.41
N GLU A 1116 -11.24 19.65 -4.36
CA GLU A 1116 -12.63 19.56 -3.95
C GLU A 1116 -12.79 18.37 -3.03
N SER A 1117 -13.56 18.54 -1.97
CA SER A 1117 -13.90 17.40 -1.14
C SER A 1117 -14.87 16.50 -1.89
N GLU A 1118 -14.70 15.20 -1.72
CA GLU A 1118 -15.43 14.24 -2.53
C GLU A 1118 -16.88 14.18 -2.09
N LYS A 1119 -17.77 13.98 -3.05
CA LYS A 1119 -19.20 14.19 -2.85
C LYS A 1119 -19.83 12.91 -2.31
N ILE A 1120 -20.37 12.98 -1.10
CA ILE A 1120 -21.19 11.89 -0.58
C ILE A 1120 -22.55 11.99 -1.24
N VAL A 1121 -22.85 11.07 -2.14
CA VAL A 1121 -24.15 11.07 -2.82
C VAL A 1121 -25.20 10.45 -1.92
N HIS A 1122 -26.35 11.11 -1.83
CA HIS A 1122 -27.54 10.54 -1.22
C HIS A 1122 -28.52 10.18 -2.31
N LEU A 1123 -29.33 9.16 -2.02
CA LEU A 1123 -30.41 8.67 -2.87
C LEU A 1123 -29.88 8.26 -4.25
N LYS A 1124 -29.03 7.23 -4.25
CA LYS A 1124 -28.32 6.86 -5.47
C LYS A 1124 -29.22 6.22 -6.52
N ASN A 1125 -30.40 5.74 -6.15
CA ASN A 1125 -31.35 5.36 -7.18
C ASN A 1125 -32.12 6.59 -7.64
N LEU A 1126 -33.17 6.34 -8.41
CA LEU A 1126 -34.14 7.34 -8.92
C LEU A 1126 -33.53 8.30 -9.96
N LYS A 1127 -32.22 8.19 -10.16
CA LYS A 1127 -31.50 8.58 -11.39
C LYS A 1127 -31.47 10.06 -11.77
N LYS A 1128 -32.17 10.93 -11.04
CA LYS A 1128 -32.28 12.31 -11.47
C LYS A 1128 -32.02 13.29 -10.35
N LYS A 1129 -32.29 12.88 -9.11
CA LYS A 1129 -32.26 13.80 -7.98
C LYS A 1129 -31.24 13.30 -6.95
N LYS A 1130 -29.99 13.69 -7.15
CA LYS A 1130 -28.93 13.39 -6.22
C LYS A 1130 -28.55 14.67 -5.47
N LEU A 1131 -27.90 14.51 -4.32
CA LEU A 1131 -27.85 15.60 -3.36
C LEU A 1131 -26.43 16.07 -3.03
N MET A 1132 -25.46 15.17 -3.09
CA MET A 1132 -24.03 15.42 -3.27
C MET A 1132 -23.24 16.02 -2.11
N THR A 1133 -23.87 16.64 -1.11
CA THR A 1133 -23.49 16.65 0.32
C THR A 1133 -22.03 16.37 0.69
N ASP A 1134 -21.10 17.24 0.29
CA ASP A 1134 -19.68 16.90 0.30
C ASP A 1134 -19.14 16.64 1.70
N ARG A 1135 -18.09 15.81 1.77
CA ARG A 1135 -17.62 15.26 3.03
C ARG A 1135 -16.91 16.32 3.87
N ASN A 1136 -15.81 16.85 3.36
CA ASN A 1136 -15.03 17.84 4.09
C ASN A 1136 -15.51 19.23 3.74
N SER A 1137 -15.35 20.15 4.68
CA SER A 1137 -15.84 21.50 4.49
C SER A 1137 -15.00 22.24 3.46
N GLU A 1138 -15.58 23.31 2.92
CA GLU A 1138 -14.86 24.12 1.94
C GLU A 1138 -13.75 24.92 2.62
N GLU A 1139 -13.91 25.23 3.91
CA GLU A 1139 -12.86 25.93 4.62
C GLU A 1139 -11.68 25.02 4.89
N LEU A 1140 -11.93 23.74 5.16
CA LEU A 1140 -10.83 22.78 5.27
C LEU A 1140 -10.21 22.51 3.90
N CYS A 1141 -11.05 22.48 2.86
CA CYS A 1141 -10.57 22.22 1.50
C CYS A 1141 -9.65 23.33 1.01
N LYS A 1142 -9.87 24.57 1.46
CA LYS A 1142 -8.89 25.62 1.18
C LYS A 1142 -7.64 25.45 2.01
N LEU A 1143 -7.81 25.01 3.26
CA LEU A 1143 -6.70 24.89 4.20
C LEU A 1143 -5.74 23.75 3.85
N VAL A 1144 -6.18 22.75 3.10
CA VAL A 1144 -5.26 21.72 2.63
C VAL A 1144 -4.41 22.27 1.50
N LYS A 1145 -5.00 23.10 0.64
CA LYS A 1145 -4.30 23.66 -0.51
C LYS A 1145 -3.20 24.63 -0.08
N ILE A 1146 -3.36 25.29 1.07
CA ILE A 1146 -2.28 26.08 1.63
C ILE A 1146 -1.18 25.19 2.19
N MET A 1147 -1.52 24.01 2.73
CA MET A 1147 -0.52 23.14 3.35
C MET A 1147 0.48 22.60 2.34
N PHE A 1148 0.01 22.26 1.14
CA PHE A 1148 0.92 21.89 0.07
C PHE A 1148 1.77 23.06 -0.39
N GLU A 1149 1.25 24.27 -0.31
CA GLU A 1149 1.95 25.43 -0.81
C GLU A 1149 2.68 26.20 0.28
N TYR A 1150 2.57 25.77 1.53
CA TYR A 1150 3.20 26.51 2.62
C TYR A 1150 4.71 26.27 2.63
N LYS A 1151 5.46 27.36 2.56
CA LYS A 1151 6.90 27.36 2.68
C LYS A 1151 7.27 28.39 3.75
N MET A 1152 8.34 28.13 4.49
CA MET A 1152 8.76 29.05 5.53
C MET A 1152 9.31 30.33 4.91
N GLU A 1153 8.98 31.46 5.53
CA GLU A 1153 9.17 32.82 5.01
C GLU A 1153 8.56 32.99 3.62
#